data_4W8I
#
_entry.id   4W8I
#
_cell.length_a   57.783
_cell.length_b   118.252
_cell.length_c   57.794
_cell.angle_alpha   90.00
_cell.angle_beta   114.38
_cell.angle_gamma   90.00
#
_symmetry.space_group_name_H-M   'P 1 21 1'
#
loop_
_entity.id
_entity.type
_entity.pdbx_description
1 polymer 'Probable sphingosine-1-phosphate lyase'
2 water water
#
_entity_poly.entity_id   1
_entity_poly.type   'polypeptide(L)'
_entity_poly.pdbx_seq_one_letter_code
;GNAS(MSE)KQRIIDSAYALAKNLPGVNQIIEKELNKELSSTREKLRIQRSG(MSE)TLREEIPEEGLSPQDILSAFDVD
VEKCHFDFLSVTNDSPEREFLVGRGDGKDSGALYAIHPKELTELLKEVYGATALTNPLHDKWPRINA(MSE)QAEVIRWC
QNLFHGSKEGYGLLTHGGTTSIIEA(MSE)AAYVIRARAKGIDYPEIVVPETAHAAFKKAAELTGAILITVPVDKKTGAV
NPNV(MSE)SSYITRNTAV(MSE)VGSAPSF(MSE)NGIHDPISELGQLAKKKNVPFHVDACLGGFLTAFLDTSSEP
(MSE)DFRVPGVTSISADLHKYGCCPKGTSVCLFSEDSPALSVYAALNWSGGLYATPGILDGSTSGARVAEVYATLSYYG
KNKYQEIAKSIIRLRNAIQKELTALVEEGNGLTSEDIYVYGNPQWSILGFRSNTCNAHFIADELEKRGWKLNLLQNPDGF
HLCLTHVHTLVGSFETQFIKDLREAVIDVKNYPPGKKPSGNVKVYGAVG(MSE)(MSE)PVELQKEICKQYQKARLDFTA
ASHGSLGIFAPSSTEEDDGLRNRKVGEQKVQTSL
;
_entity_poly.pdbx_strand_id   A,B
#
# COMPACT_ATOMS: atom_id res chain seq x y z
N GLU A 54 19.07 18.70 6.18
CA GLU A 54 19.74 17.42 5.94
C GLU A 54 19.56 16.86 4.52
N ILE A 55 18.74 17.52 3.71
CA ILE A 55 18.62 17.19 2.30
C ILE A 55 19.70 17.97 1.56
N PRO A 56 20.54 17.26 0.79
CA PRO A 56 21.61 17.83 -0.03
C PRO A 56 21.30 19.21 -0.60
N GLU A 57 22.17 20.16 -0.33
CA GLU A 57 21.89 21.59 -0.50
C GLU A 57 21.75 21.94 -1.97
N GLU A 58 22.47 21.21 -2.80
CA GLU A 58 22.35 21.30 -4.24
C GLU A 58 22.59 19.88 -4.75
N GLY A 59 22.07 19.56 -5.94
CA GLY A 59 22.11 18.18 -6.43
C GLY A 59 23.41 17.41 -6.31
N LEU A 60 23.36 16.19 -5.89
CA LEU A 60 24.57 15.46 -5.90
C LEU A 60 24.71 15.04 -7.32
N SER A 61 25.92 14.66 -7.67
CA SER A 61 26.27 14.00 -8.90
C SER A 61 25.69 12.63 -8.79
N PRO A 62 25.24 12.00 -9.94
CA PRO A 62 24.88 10.62 -9.76
C PRO A 62 26.07 9.84 -9.24
N GLN A 63 27.26 10.17 -9.65
CA GLN A 63 28.32 9.21 -9.31
C GLN A 63 28.37 8.91 -7.80
N ASP A 64 28.03 9.92 -6.99
CA ASP A 64 28.13 9.80 -5.53
C ASP A 64 26.76 9.62 -4.86
N ILE A 65 25.72 9.44 -5.65
CA ILE A 65 24.47 8.86 -5.17
C ILE A 65 24.62 7.34 -5.26
N LEU A 66 25.00 6.86 -6.44
CA LEU A 66 25.28 5.45 -6.67
C LEU A 66 26.31 4.88 -5.68
N SER A 67 27.32 5.70 -5.36
CA SER A 67 28.37 5.30 -4.41
C SER A 67 27.77 4.95 -3.04
N ALA A 68 26.75 5.69 -2.63
CA ALA A 68 26.02 5.39 -1.40
C ALA A 68 25.29 4.07 -1.52
N PHE A 69 24.92 3.70 -2.74
CA PHE A 69 24.22 2.45 -2.97
C PHE A 69 25.19 1.30 -3.22
N ASP A 70 26.48 1.63 -3.34
CA ASP A 70 27.57 0.66 -3.48
C ASP A 70 27.46 -0.12 -4.80
N VAL A 71 26.49 0.27 -5.64
CA VAL A 71 26.27 -0.38 -6.92
C VAL A 71 27.41 -0.08 -7.89
N ALA A 104 21.19 -19.08 4.18
CA ALA A 104 20.34 -18.24 3.34
C ALA A 104 20.49 -18.59 1.85
N LEU A 105 19.35 -18.69 1.18
CA LEU A 105 19.28 -19.04 -0.25
C LEU A 105 18.40 -18.07 -1.05
N TYR A 106 18.75 -17.86 -2.31
CA TYR A 106 17.93 -17.08 -3.25
C TYR A 106 18.24 -17.41 -4.71
N ALA A 107 17.33 -17.04 -5.61
CA ALA A 107 17.57 -17.20 -7.04
C ALA A 107 17.92 -15.85 -7.65
N ILE A 108 18.47 -15.85 -8.87
CA ILE A 108 18.66 -14.63 -9.63
C ILE A 108 17.88 -14.76 -10.92
N HIS A 109 17.09 -13.74 -11.27
CA HIS A 109 16.47 -13.73 -12.60
C HIS A 109 17.51 -13.93 -13.68
N PRO A 110 17.08 -14.47 -14.83
CA PRO A 110 17.96 -14.42 -16.00
C PRO A 110 18.37 -12.96 -16.21
N LYS A 111 19.65 -12.71 -16.43
CA LYS A 111 20.18 -11.38 -16.71
C LYS A 111 19.24 -10.59 -17.63
N GLU A 112 18.87 -11.25 -18.71
CA GLU A 112 17.85 -10.82 -19.66
C GLU A 112 16.55 -10.25 -19.04
N LEU A 113 16.24 -10.66 -17.81
CA LEU A 113 15.01 -10.22 -17.14
C LEU A 113 15.27 -9.10 -16.14
N THR A 114 16.34 -9.21 -15.36
CA THR A 114 16.77 -8.12 -14.49
C THR A 114 17.02 -6.90 -15.34
N GLU A 115 17.59 -7.14 -16.52
CA GLU A 115 17.88 -6.08 -17.47
C GLU A 115 16.60 -5.65 -18.20
N LEU A 116 15.64 -6.55 -18.33
CA LEU A 116 14.34 -6.21 -18.90
C LEU A 116 13.58 -5.27 -17.97
N LEU A 117 13.47 -5.65 -16.69
CA LEU A 117 12.75 -4.85 -15.71
C LEU A 117 13.39 -3.48 -15.51
N LYS A 118 14.72 -3.44 -15.60
CA LYS A 118 15.48 -2.20 -15.50
C LYS A 118 15.00 -1.18 -16.51
N GLU A 119 14.84 -1.64 -17.75
CA GLU A 119 14.44 -0.81 -18.87
C GLU A 119 12.96 -0.45 -18.76
N VAL A 120 12.16 -1.43 -18.36
CA VAL A 120 10.73 -1.25 -18.18
C VAL A 120 10.45 -0.21 -17.08
N TYR A 121 11.27 -0.22 -16.03
CA TYR A 121 11.18 0.76 -14.95
C TYR A 121 11.31 2.19 -15.47
N GLY A 122 12.45 2.50 -16.06
CA GLY A 122 12.73 3.83 -16.58
C GLY A 122 11.72 4.35 -17.60
N ALA A 123 10.93 3.45 -18.17
CA ALA A 123 9.89 3.83 -19.13
C ALA A 123 8.57 4.18 -18.45
N THR A 124 8.40 3.77 -17.20
CA THR A 124 7.12 3.87 -16.52
C THR A 124 7.16 4.52 -15.13
N ALA A 125 8.35 4.82 -14.62
CA ALA A 125 8.49 5.35 -13.27
C ALA A 125 7.93 6.75 -13.10
N LEU A 126 7.94 7.53 -14.19
CA LEU A 126 7.76 8.97 -14.08
C LEU A 126 6.64 9.52 -14.96
N ASN A 138 -0.50 1.95 -17.74
CA ASN A 138 -1.74 2.13 -18.48
C ASN A 138 -2.68 0.95 -18.17
N ALA A 139 -3.54 0.60 -19.12
CA ALA A 139 -4.50 -0.48 -18.92
C ALA A 139 -3.83 -1.85 -19.01
N MSE A 140 -2.54 -1.92 -18.69
CA MSE A 140 -1.87 -3.15 -18.38
C MSE A 140 -2.47 -3.64 -17.09
O MSE A 140 -2.66 -4.84 -16.81
CB MSE A 140 -0.39 -2.97 -18.23
CG MSE A 140 0.21 -2.34 -19.48
SE MSE A 140 2.15 -2.01 -19.39
CE MSE A 140 2.41 -2.88 -17.68
N GLN A 141 -2.77 -2.68 -16.25
CA GLN A 141 -3.33 -2.93 -14.92
C GLN A 141 -4.61 -3.76 -15.05
N ALA A 142 -5.50 -3.32 -15.93
CA ALA A 142 -6.72 -4.05 -16.21
C ALA A 142 -6.37 -5.46 -16.69
N GLU A 143 -5.35 -5.56 -17.52
CA GLU A 143 -4.82 -6.84 -17.98
C GLU A 143 -4.35 -7.72 -16.82
N VAL A 144 -3.46 -7.20 -15.98
CA VAL A 144 -2.99 -7.92 -14.78
C VAL A 144 -4.16 -8.44 -13.96
N ILE A 145 -5.11 -7.55 -13.65
CA ILE A 145 -6.31 -7.92 -12.92
C ILE A 145 -7.08 -9.04 -13.64
N ARG A 146 -7.35 -8.85 -14.92
CA ARG A 146 -8.07 -9.83 -15.73
C ARG A 146 -7.40 -11.19 -15.72
N TRP A 147 -6.07 -11.20 -15.86
CA TRP A 147 -5.26 -12.41 -15.76
C TRP A 147 -5.44 -13.06 -14.39
N CYS A 148 -5.19 -12.28 -13.33
CA CYS A 148 -5.29 -12.79 -11.98
C CYS A 148 -6.68 -13.33 -11.67
N GLN A 149 -7.71 -12.65 -12.16
CA GLN A 149 -9.08 -13.14 -12.04
C GLN A 149 -9.22 -14.54 -12.66
N ASN A 150 -8.63 -14.73 -13.84
CA ASN A 150 -8.69 -16.00 -14.54
C ASN A 150 -7.82 -17.07 -13.88
N LEU A 151 -6.73 -16.65 -13.24
CA LEU A 151 -5.88 -17.59 -12.48
C LEU A 151 -6.65 -18.14 -11.29
N PHE A 152 -7.66 -17.40 -10.83
CA PHE A 152 -8.48 -17.84 -9.72
C PHE A 152 -9.93 -18.09 -10.17
N HIS A 153 -10.11 -18.28 -11.48
CA HIS A 153 -11.39 -18.67 -12.08
C HIS A 153 -12.62 -17.78 -11.84
N GLY A 154 -12.45 -16.46 -11.97
CA GLY A 154 -13.55 -15.54 -11.74
C GLY A 154 -13.99 -14.89 -13.03
N SER A 155 -15.19 -14.33 -13.05
CA SER A 155 -15.64 -13.55 -14.19
C SER A 155 -14.81 -12.27 -14.27
N LYS A 156 -14.79 -11.68 -15.46
CA LYS A 156 -14.15 -10.38 -15.68
C LYS A 156 -14.89 -9.27 -14.94
N GLU A 157 -16.05 -9.61 -14.39
CA GLU A 157 -16.97 -8.63 -13.83
C GLU A 157 -16.89 -8.61 -12.31
N GLY A 158 -15.96 -9.39 -11.76
CA GLY A 158 -15.55 -9.18 -10.39
C GLY A 158 -14.66 -7.94 -10.38
N TYR A 159 -14.29 -7.45 -9.20
CA TYR A 159 -13.45 -6.26 -9.12
C TYR A 159 -12.15 -6.54 -8.38
N GLY A 160 -11.02 -6.19 -8.99
CA GLY A 160 -9.72 -6.57 -8.47
C GLY A 160 -8.77 -5.43 -8.18
N LEU A 161 -7.82 -5.67 -7.28
CA LEU A 161 -6.90 -4.61 -6.87
C LEU A 161 -5.45 -5.01 -6.99
N LEU A 162 -4.62 -4.05 -7.39
CA LEU A 162 -3.18 -4.20 -7.26
C LEU A 162 -2.77 -3.44 -6.00
N THR A 163 -2.31 -4.17 -4.99
CA THR A 163 -1.98 -3.56 -3.70
C THR A 163 -0.53 -3.83 -3.30
N HIS A 164 -0.17 -3.48 -2.07
CA HIS A 164 1.24 -3.40 -1.69
C HIS A 164 1.77 -4.55 -0.82
N GLY A 165 1.44 -5.78 -1.21
CA GLY A 165 2.03 -6.97 -0.61
C GLY A 165 1.43 -7.50 0.69
N GLY A 166 0.55 -8.50 0.59
CA GLY A 166 0.01 -9.17 1.77
C GLY A 166 -0.91 -8.34 2.63
N THR A 167 -0.46 -7.94 3.81
CA THR A 167 -1.38 -7.43 4.81
C THR A 167 -2.18 -6.28 4.20
N THR A 168 -1.55 -5.48 3.35
CA THR A 168 -2.26 -4.41 2.66
C THR A 168 -3.44 -4.95 1.87
N SER A 169 -3.23 -6.08 1.19
CA SER A 169 -4.30 -6.71 0.42
C SER A 169 -5.36 -7.33 1.34
N ILE A 170 -4.95 -7.76 2.52
CA ILE A 170 -5.87 -8.38 3.46
C ILE A 170 -6.75 -7.34 4.15
N ILE A 171 -6.14 -6.29 4.70
CA ILE A 171 -6.89 -5.25 5.42
C ILE A 171 -7.78 -4.46 4.44
N GLU A 172 -7.41 -4.50 3.16
CA GLU A 172 -8.18 -3.81 2.13
C GLU A 172 -9.59 -4.38 2.02
N ALA A 173 -9.68 -5.71 1.99
CA ALA A 173 -10.95 -6.40 1.93
C ALA A 173 -11.65 -6.40 3.28
N MSE A 174 -10.89 -6.68 4.33
CA MSE A 174 -11.42 -6.64 5.69
C MSE A 174 -12.13 -5.32 5.98
O MSE A 174 -13.25 -5.31 6.49
CB MSE A 174 -10.31 -6.88 6.70
CG MSE A 174 -9.76 -8.29 6.73
SE MSE A 174 -11.10 -9.64 7.16
CE MSE A 174 -11.48 -10.26 5.35
N ALA A 175 -11.47 -4.22 5.65
CA ALA A 175 -12.07 -2.89 5.78
C ALA A 175 -13.40 -2.79 5.04
N ALA A 176 -13.39 -3.19 3.77
CA ALA A 176 -14.58 -3.11 2.93
C ALA A 176 -15.75 -3.89 3.51
N TYR A 177 -15.50 -5.13 3.93
CA TYR A 177 -16.56 -5.94 4.53
C TYR A 177 -17.07 -5.35 5.85
N VAL A 178 -16.17 -4.84 6.68
CA VAL A 178 -16.57 -4.23 7.94
C VAL A 178 -17.31 -2.91 7.71
N ILE A 179 -16.97 -2.21 6.63
CA ILE A 179 -17.63 -0.95 6.29
C ILE A 179 -19.10 -1.19 5.91
N ARG A 180 -19.35 -2.18 5.04
CA ARG A 180 -20.73 -2.53 4.67
C ARG A 180 -21.49 -3.09 5.86
N ALA A 181 -20.76 -3.69 6.80
CA ALA A 181 -21.37 -4.17 8.03
C ALA A 181 -21.98 -3.01 8.79
N ARG A 182 -21.22 -1.93 8.92
CA ARG A 182 -21.68 -0.70 9.57
C ARG A 182 -22.74 -0.01 8.73
N ALA A 183 -22.52 0.02 7.42
CA ALA A 183 -23.47 0.61 6.47
C ALA A 183 -24.85 0.00 6.66
N LYS A 184 -24.89 -1.30 7.00
CA LYS A 184 -26.13 -2.01 7.44
C LYS A 184 -26.78 -1.78 8.85
N GLY A 185 -25.94 -1.57 9.87
CA GLY A 185 -26.39 -1.31 11.22
C GLY A 185 -25.72 -2.07 12.35
N ILE A 186 -24.68 -2.83 12.00
CA ILE A 186 -23.87 -3.56 12.95
C ILE A 186 -22.76 -2.62 13.44
N ASP A 187 -22.99 -1.94 14.56
CA ASP A 187 -21.97 -1.06 15.15
C ASP A 187 -20.74 -1.85 15.57
N TYR A 188 -20.96 -3.11 15.94
CA TYR A 188 -19.89 -4.02 16.31
C TYR A 188 -19.77 -5.20 15.34
N PRO A 189 -19.10 -4.97 14.19
CA PRO A 189 -18.92 -6.05 13.19
C PRO A 189 -17.94 -7.12 13.65
N GLU A 190 -18.18 -8.38 13.31
CA GLU A 190 -17.30 -9.47 13.70
C GLU A 190 -16.52 -10.02 12.50
N ILE A 191 -15.23 -10.28 12.69
CA ILE A 191 -14.43 -10.95 11.68
C ILE A 191 -14.08 -12.35 12.16
N VAL A 192 -14.65 -13.35 11.49
CA VAL A 192 -14.49 -14.74 11.91
C VAL A 192 -13.31 -15.41 11.19
N VAL A 193 -12.25 -15.70 11.94
CA VAL A 193 -11.07 -16.36 11.37
C VAL A 193 -10.64 -17.59 12.19
N PRO A 194 -10.07 -18.60 11.52
CA PRO A 194 -9.44 -19.71 12.25
C PRO A 194 -8.18 -19.20 12.91
N GLU A 195 -7.81 -19.72 14.08
CA GLU A 195 -6.70 -19.15 14.83
C GLU A 195 -5.36 -19.30 14.12
N THR A 196 -5.33 -20.12 13.08
CA THR A 196 -4.13 -20.30 12.27
C THR A 196 -3.95 -19.15 11.29
N ALA A 197 -4.93 -18.26 11.21
CA ALA A 197 -4.85 -17.13 10.28
C ALA A 197 -3.68 -16.18 10.62
N HIS A 198 -3.41 -15.25 9.71
CA HIS A 198 -2.33 -14.27 9.88
C HIS A 198 -2.66 -13.18 10.90
N ALA A 199 -1.62 -12.61 11.51
CA ALA A 199 -1.81 -11.50 12.44
C ALA A 199 -2.28 -10.26 11.69
N ALA A 200 -2.25 -10.31 10.37
CA ALA A 200 -2.78 -9.24 9.54
C ALA A 200 -4.24 -8.96 9.89
N PHE A 201 -5.01 -10.03 10.04
CA PHE A 201 -6.40 -9.93 10.45
C PHE A 201 -6.55 -9.28 11.81
N LYS A 202 -5.58 -9.49 12.70
CA LYS A 202 -5.68 -8.94 14.04
C LYS A 202 -5.44 -7.42 13.99
N LYS A 203 -4.55 -6.99 13.09
CA LYS A 203 -4.40 -5.56 12.77
C LYS A 203 -5.71 -5.02 12.19
N ALA A 204 -6.21 -5.69 11.17
CA ALA A 204 -7.38 -5.21 10.42
C ALA A 204 -8.59 -4.91 11.31
N ALA A 205 -8.95 -5.84 12.19
CA ALA A 205 -10.09 -5.63 13.08
C ALA A 205 -9.78 -4.60 14.17
N GLU A 206 -8.51 -4.48 14.50
CA GLU A 206 -8.05 -3.56 15.55
C GLU A 206 -7.87 -2.16 14.95
N LEU A 207 -7.99 -2.10 13.62
CA LEU A 207 -7.98 -0.86 12.86
C LEU A 207 -9.40 -0.45 12.44
N THR A 208 -10.16 -1.42 11.93
CA THR A 208 -11.50 -1.13 11.42
C THR A 208 -12.53 -0.98 12.53
N GLY A 209 -12.12 -1.28 13.77
CA GLY A 209 -13.03 -1.20 14.90
C GLY A 209 -13.92 -2.43 15.04
N ALA A 210 -13.52 -3.50 14.35
CA ALA A 210 -14.24 -4.77 14.38
C ALA A 210 -13.72 -5.66 15.51
N ILE A 211 -14.49 -6.69 15.88
CA ILE A 211 -14.05 -7.68 16.86
C ILE A 211 -13.46 -8.89 16.12
N LEU A 212 -12.26 -9.34 16.48
CA LEU A 212 -11.72 -10.54 15.84
C LEU A 212 -12.23 -11.76 16.59
N ILE A 213 -12.84 -12.68 15.85
CA ILE A 213 -13.40 -13.89 16.45
C ILE A 213 -12.56 -15.10 16.02
N THR A 214 -11.65 -15.54 16.89
CA THR A 214 -10.73 -16.64 16.58
C THR A 214 -11.43 -17.98 16.77
N VAL A 215 -11.63 -18.71 15.66
CA VAL A 215 -12.20 -20.04 15.70
C VAL A 215 -11.11 -21.05 15.98
N PRO A 216 -11.36 -21.99 16.91
CA PRO A 216 -10.40 -23.07 17.17
C PRO A 216 -10.20 -23.89 15.92
N VAL A 217 -9.04 -24.53 15.78
CA VAL A 217 -8.72 -25.29 14.58
C VAL A 217 -8.39 -26.71 15.07
N ASP A 218 -8.57 -27.73 14.23
CA ASP A 218 -8.28 -29.11 14.66
C ASP A 218 -6.84 -29.24 15.13
N LYS A 219 -6.62 -29.93 16.24
CA LYS A 219 -5.31 -29.94 16.90
C LYS A 219 -4.20 -30.66 16.12
N LYS A 220 -4.49 -31.82 15.54
CA LYS A 220 -3.47 -32.43 14.69
C LYS A 220 -4.03 -32.77 13.31
N THR A 221 -4.71 -31.80 12.73
CA THR A 221 -5.02 -31.77 11.31
C THR A 221 -4.56 -30.41 10.78
N GLY A 222 -4.74 -29.38 11.61
CA GLY A 222 -4.31 -28.04 11.26
C GLY A 222 -5.39 -27.27 10.50
N ALA A 223 -6.44 -27.97 10.10
CA ALA A 223 -7.54 -27.39 9.32
C ALA A 223 -8.75 -27.10 10.21
N VAL A 224 -9.54 -26.09 9.85
CA VAL A 224 -10.73 -25.73 10.63
C VAL A 224 -11.87 -26.71 10.35
N ASN A 225 -12.71 -26.95 11.35
CA ASN A 225 -13.94 -27.72 11.13
C ASN A 225 -15.11 -26.77 10.91
N PRO A 226 -15.75 -26.86 9.73
CA PRO A 226 -16.92 -26.05 9.37
C PRO A 226 -18.06 -26.16 10.38
N ASN A 227 -18.26 -27.34 10.95
CA ASN A 227 -19.25 -27.51 12.01
C ASN A 227 -18.93 -26.67 13.24
N VAL A 228 -17.63 -26.47 13.51
CA VAL A 228 -17.16 -25.69 14.65
C VAL A 228 -17.35 -24.19 14.40
N MSE A 229 -16.81 -23.71 13.28
CA MSE A 229 -16.92 -22.31 12.89
C MSE A 229 -18.37 -21.87 12.69
O MSE A 229 -18.69 -20.68 12.70
CB MSE A 229 -16.10 -22.05 11.61
CG MSE A 229 -16.25 -20.66 11.00
SE MSE A 229 -15.23 -20.34 9.36
CE MSE A 229 -13.48 -20.01 10.13
N SER A 230 -19.28 -22.85 12.56
CA SER A 230 -20.67 -22.58 12.21
C SER A 230 -21.44 -21.79 13.28
N SER A 231 -21.22 -22.08 14.56
CA SER A 231 -21.88 -21.32 15.61
C SER A 231 -20.98 -20.17 16.07
N TYR A 232 -19.95 -19.91 15.27
CA TYR A 232 -19.08 -18.75 15.46
C TYR A 232 -19.53 -17.62 14.54
N ILE A 233 -20.64 -17.85 13.84
CA ILE A 233 -21.22 -16.85 12.95
C ILE A 233 -22.55 -16.34 13.49
N THR A 234 -22.62 -15.03 13.71
CA THR A 234 -23.82 -14.37 14.19
C THR A 234 -24.34 -13.44 13.09
N ARG A 235 -25.31 -12.60 13.46
CA ARG A 235 -25.77 -11.53 12.60
C ARG A 235 -24.65 -10.50 12.41
N ASN A 236 -23.93 -10.26 13.50
CA ASN A 236 -22.97 -9.17 13.60
C ASN A 236 -21.69 -9.54 12.86
N THR A 237 -21.72 -10.68 12.19
CA THR A 237 -20.59 -11.19 11.41
C THR A 237 -20.43 -10.43 10.11
N ALA A 238 -19.31 -9.73 9.96
CA ALA A 238 -19.03 -8.96 8.75
C ALA A 238 -18.51 -9.86 7.62
N VAL A 239 -17.63 -10.80 7.99
CA VAL A 239 -17.01 -11.70 7.02
C VAL A 239 -16.40 -12.90 7.74
N MSE A 240 -16.27 -14.02 7.04
CA MSE A 240 -15.49 -15.14 7.58
C MSE A 240 -14.36 -15.42 6.61
O MSE A 240 -14.47 -15.15 5.41
CB MSE A 240 -16.38 -16.39 7.77
CG MSE A 240 -16.35 -17.38 6.62
SE MSE A 240 -17.43 -18.97 6.92
CE MSE A 240 -19.05 -18.30 6.13
N VAL A 241 -13.24 -15.95 7.12
CA VAL A 241 -12.13 -16.26 6.24
C VAL A 241 -11.68 -17.71 6.37
N GLY A 242 -11.20 -18.25 5.26
CA GLY A 242 -10.50 -19.52 5.26
C GLY A 242 -9.16 -19.30 4.59
N SER A 243 -8.09 -19.79 5.20
CA SER A 243 -6.77 -19.66 4.59
C SER A 243 -6.50 -20.84 3.66
N ALA A 244 -5.68 -20.61 2.63
CA ALA A 244 -5.41 -21.64 1.63
C ALA A 244 -4.01 -21.55 1.04
N PRO A 245 -3.00 -22.02 1.78
CA PRO A 245 -3.12 -22.54 3.15
C PRO A 245 -2.78 -21.48 4.20
N SER A 246 -2.77 -21.86 5.47
CA SER A 246 -2.26 -20.97 6.52
C SER A 246 -0.73 -21.03 6.52
N PHE A 247 -0.11 -19.86 6.65
CA PHE A 247 1.34 -19.74 6.57
C PHE A 247 2.06 -20.59 7.61
N MSE A 248 1.49 -20.71 8.80
CA MSE A 248 2.15 -21.43 9.83
C MSE A 248 2.52 -22.86 9.57
O MSE A 248 3.56 -23.31 10.03
CB MSE A 248 1.21 -21.37 10.99
CG MSE A 248 1.00 -20.00 11.65
SE MSE A 248 -0.33 -20.48 12.96
CE MSE A 248 1.10 -21.42 13.98
N ASN A 249 1.68 -23.62 8.92
CA ASN A 249 1.78 -25.06 8.89
C ASN A 249 1.73 -25.65 7.50
N GLY A 250 1.27 -24.85 6.54
CA GLY A 250 1.09 -25.34 5.19
C GLY A 250 -0.25 -26.03 5.01
N ILE A 251 -1.00 -26.16 6.10
CA ILE A 251 -2.32 -26.76 6.06
C ILE A 251 -3.34 -25.71 5.63
N HIS A 252 -4.21 -26.09 4.71
CA HIS A 252 -5.28 -25.21 4.22
C HIS A 252 -6.62 -25.59 4.84
N ASP A 253 -7.62 -24.74 4.62
CA ASP A 253 -8.93 -24.92 5.21
C ASP A 253 -9.94 -25.45 4.19
N PRO A 254 -11.00 -26.08 4.62
CA PRO A 254 -11.88 -26.75 3.66
C PRO A 254 -12.75 -25.70 2.98
N ILE A 255 -12.13 -25.00 2.04
CA ILE A 255 -12.74 -23.89 1.32
C ILE A 255 -14.06 -24.28 0.64
N SER A 256 -14.10 -25.47 0.05
CA SER A 256 -15.30 -25.95 -0.63
C SER A 256 -16.45 -26.15 0.34
N GLU A 257 -16.14 -26.51 1.58
CA GLU A 257 -17.16 -26.79 2.59
C GLU A 257 -17.42 -25.56 3.43
N LEU A 258 -16.37 -24.77 3.66
CA LEU A 258 -16.51 -23.43 4.22
C LEU A 258 -17.40 -22.61 3.30
N GLY A 259 -17.33 -22.89 2.00
CA GLY A 259 -18.20 -22.27 1.02
C GLY A 259 -19.67 -22.59 1.26
N GLN A 260 -19.97 -23.86 1.48
CA GLN A 260 -21.32 -24.27 1.85
C GLN A 260 -21.79 -23.57 3.12
N LEU A 261 -20.86 -23.33 4.04
CA LEU A 261 -21.19 -22.69 5.31
C LEU A 261 -21.43 -21.19 5.07
N ALA A 262 -21.05 -20.71 3.88
CA ALA A 262 -21.23 -19.30 3.52
C ALA A 262 -22.50 -19.05 2.71
N LYS A 263 -22.83 -19.98 1.83
CA LYS A 263 -24.02 -19.86 0.98
C LYS A 263 -25.32 -19.92 1.79
N LYS A 264 -25.28 -20.66 2.90
CA LYS A 264 -26.48 -20.89 3.71
C LYS A 264 -26.67 -19.79 4.77
N LYS A 265 -25.57 -19.33 5.36
CA LYS A 265 -25.64 -18.30 6.40
C LYS A 265 -25.53 -16.92 5.76
N ASN A 266 -25.41 -16.91 4.44
CA ASN A 266 -25.38 -15.69 3.64
C ASN A 266 -24.46 -14.63 4.22
N VAL A 267 -23.17 -14.95 4.31
CA VAL A 267 -22.17 -14.03 4.85
C VAL A 267 -20.95 -14.08 3.95
N PRO A 268 -20.39 -12.90 3.62
CA PRO A 268 -19.19 -12.82 2.77
C PRO A 268 -18.10 -13.80 3.23
N PHE A 269 -17.47 -14.47 2.27
CA PHE A 269 -16.43 -15.46 2.55
C PHE A 269 -15.13 -15.07 1.85
N HIS A 270 -14.10 -14.78 2.64
CA HIS A 270 -12.81 -14.37 2.10
C HIS A 270 -11.79 -15.51 2.15
N VAL A 271 -11.20 -15.84 1.00
CA VAL A 271 -10.10 -16.80 0.96
C VAL A 271 -8.75 -16.08 1.02
N ASP A 272 -8.05 -16.19 2.14
CA ASP A 272 -6.68 -15.67 2.23
C ASP A 272 -5.73 -16.64 1.53
N ALA A 273 -5.19 -16.21 0.40
CA ALA A 273 -4.22 -17.01 -0.35
C ALA A 273 -2.98 -16.18 -0.66
N CYS A 274 -2.66 -15.26 0.24
CA CYS A 274 -1.48 -14.41 0.10
C CYS A 274 -0.20 -15.25 -0.05
N LEU A 275 -0.19 -16.42 0.56
CA LEU A 275 0.93 -17.34 0.42
C LEU A 275 0.77 -18.23 -0.81
N GLY A 276 -0.14 -19.20 -0.73
CA GLY A 276 -0.24 -20.23 -1.75
C GLY A 276 -0.92 -19.83 -3.05
N GLY A 277 -1.45 -18.61 -3.09
CA GLY A 277 -2.18 -18.13 -4.26
C GLY A 277 -1.54 -18.33 -5.62
N PHE A 278 -0.28 -17.93 -5.77
CA PHE A 278 0.38 -18.02 -7.06
C PHE A 278 1.24 -19.26 -7.16
N LEU A 279 0.92 -20.26 -6.34
CA LEU A 279 1.47 -21.61 -6.47
C LEU A 279 0.34 -22.53 -6.91
N THR A 280 -0.79 -22.41 -6.21
CA THR A 280 -2.00 -23.16 -6.52
C THR A 280 -2.63 -22.76 -7.85
N ALA A 281 -2.45 -21.50 -8.24
CA ALA A 281 -2.97 -21.01 -9.52
C ALA A 281 -2.39 -21.78 -10.71
N PHE A 282 -1.23 -22.41 -10.49
CA PHE A 282 -0.50 -23.09 -11.54
C PHE A 282 -0.39 -24.59 -11.26
N LEU A 283 -1.26 -25.08 -10.36
CA LEU A 283 -1.39 -26.51 -10.10
C LEU A 283 -2.82 -26.96 -10.38
N ASP A 284 -3.02 -28.26 -10.50
CA ASP A 284 -4.34 -28.80 -10.79
C ASP A 284 -5.13 -28.95 -9.49
N THR A 285 -6.01 -27.99 -9.22
CA THR A 285 -6.78 -27.98 -7.98
C THR A 285 -8.28 -28.19 -8.24
N SER A 286 -8.61 -28.66 -9.44
CA SER A 286 -10.01 -28.81 -9.84
C SER A 286 -10.78 -29.79 -8.94
N SER A 287 -10.05 -30.70 -8.31
CA SER A 287 -10.63 -31.63 -7.34
C SER A 287 -11.02 -30.90 -6.06
N GLU A 288 -10.06 -30.21 -5.45
CA GLU A 288 -10.33 -29.39 -4.27
C GLU A 288 -10.07 -27.93 -4.57
N PRO A 289 -10.99 -27.27 -5.30
CA PRO A 289 -10.79 -25.86 -5.65
C PRO A 289 -10.80 -24.95 -4.42
N MSE A 290 -9.99 -23.91 -4.45
CA MSE A 290 -9.91 -22.98 -3.32
C MSE A 290 -10.03 -21.52 -3.78
O MSE A 290 -9.45 -20.62 -3.17
CB MSE A 290 -8.61 -23.19 -2.54
CG MSE A 290 -8.40 -24.61 -2.00
SE MSE A 290 -6.61 -24.87 -1.25
CE MSE A 290 -5.59 -24.44 -2.83
N ASP A 291 -10.79 -21.30 -4.86
CA ASP A 291 -10.98 -19.96 -5.41
C ASP A 291 -12.44 -19.69 -5.78
N PHE A 292 -12.65 -18.86 -6.81
CA PHE A 292 -13.99 -18.39 -7.18
C PHE A 292 -14.90 -19.47 -7.77
N ARG A 293 -14.33 -20.62 -8.10
CA ARG A 293 -15.13 -21.77 -8.51
C ARG A 293 -16.07 -22.17 -7.38
N VAL A 294 -15.53 -22.23 -6.16
CA VAL A 294 -16.32 -22.45 -4.96
C VAL A 294 -17.35 -21.34 -4.77
N PRO A 295 -18.64 -21.66 -4.94
CA PRO A 295 -19.72 -20.68 -4.76
C PRO A 295 -19.81 -20.25 -3.31
N GLY A 296 -19.87 -18.95 -3.04
CA GLY A 296 -19.85 -18.47 -1.67
C GLY A 296 -18.63 -17.61 -1.38
N VAL A 297 -17.51 -17.93 -2.05
CA VAL A 297 -16.31 -17.12 -1.95
C VAL A 297 -16.57 -15.75 -2.55
N THR A 298 -16.30 -14.70 -1.78
CA THR A 298 -16.59 -13.33 -2.19
C THR A 298 -15.30 -12.54 -2.47
N SER A 299 -14.20 -12.97 -1.86
CA SER A 299 -12.90 -12.34 -2.10
C SER A 299 -11.72 -13.28 -1.91
N ILE A 300 -10.76 -13.20 -2.83
CA ILE A 300 -9.47 -13.86 -2.66
C ILE A 300 -8.41 -12.77 -2.57
N SER A 301 -7.36 -13.00 -1.79
CA SER A 301 -6.23 -12.08 -1.70
C SER A 301 -4.94 -12.88 -1.87
N ALA A 302 -4.01 -12.37 -2.68
CA ALA A 302 -2.78 -13.11 -2.95
C ALA A 302 -1.59 -12.20 -3.17
N ASP A 303 -0.40 -12.67 -2.80
CA ASP A 303 0.83 -11.92 -3.03
C ASP A 303 1.57 -12.40 -4.27
N LEU A 304 2.38 -11.53 -4.86
CA LEU A 304 3.02 -11.77 -6.15
C LEU A 304 4.52 -11.98 -6.07
N HIS A 305 5.10 -11.70 -4.91
CA HIS A 305 6.56 -11.75 -4.78
C HIS A 305 7.10 -13.17 -4.77
N LYS A 306 6.44 -14.04 -4.02
CA LYS A 306 7.06 -15.26 -3.54
C LYS A 306 6.87 -16.44 -4.51
N TYR A 307 5.88 -16.34 -5.38
CA TYR A 307 5.64 -17.37 -6.40
C TYR A 307 5.28 -16.75 -7.75
N GLY A 308 4.72 -15.54 -7.73
CA GLY A 308 4.56 -14.75 -8.94
C GLY A 308 5.90 -14.19 -9.36
N CYS A 309 6.85 -14.25 -8.43
CA CYS A 309 8.24 -13.86 -8.65
C CYS A 309 8.40 -12.40 -9.10
N CYS A 310 7.44 -11.56 -8.76
CA CYS A 310 7.54 -10.12 -9.01
C CYS A 310 8.40 -9.48 -7.92
N PRO A 311 8.89 -8.25 -8.15
CA PRO A 311 9.68 -7.60 -7.09
C PRO A 311 8.91 -7.41 -5.79
N LYS A 312 9.62 -7.16 -4.71
CA LYS A 312 9.04 -7.13 -3.37
C LYS A 312 7.96 -6.07 -3.21
N GLY A 313 6.71 -6.50 -3.06
CA GLY A 313 5.66 -5.59 -2.61
C GLY A 313 4.48 -5.23 -3.50
N THR A 314 4.01 -6.17 -4.32
CA THR A 314 2.73 -5.97 -5.00
C THR A 314 1.81 -7.12 -4.66
N SER A 315 0.50 -6.88 -4.72
CA SER A 315 -0.46 -7.88 -4.28
C SER A 315 -1.79 -7.74 -5.01
N VAL A 316 -2.56 -8.83 -5.05
CA VAL A 316 -3.88 -8.80 -5.66
C VAL A 316 -4.99 -9.06 -4.65
N CYS A 317 -6.03 -8.24 -4.70
CA CYS A 317 -7.23 -8.43 -3.91
C CYS A 317 -8.41 -8.47 -4.86
N LEU A 318 -9.05 -9.63 -4.98
CA LEU A 318 -10.09 -9.83 -5.98
C LEU A 318 -11.46 -10.05 -5.35
N PHE A 319 -12.46 -9.28 -5.79
CA PHE A 319 -13.83 -9.51 -5.34
C PHE A 319 -14.62 -10.11 -6.50
N SER A 320 -15.61 -10.94 -6.20
CA SER A 320 -16.47 -11.51 -7.24
C SER A 320 -17.63 -10.56 -7.52
N GLU A 321 -18.52 -10.94 -8.44
CA GLU A 321 -19.66 -10.10 -8.78
C GLU A 321 -20.70 -10.15 -7.68
N ASP A 322 -20.78 -11.30 -7.02
CA ASP A 322 -21.74 -11.50 -5.93
C ASP A 322 -21.23 -10.97 -4.60
N SER A 323 -20.07 -10.32 -4.62
CA SER A 323 -19.46 -9.73 -3.43
C SER A 323 -20.17 -8.45 -3.03
N PRO A 324 -20.63 -8.38 -1.77
CA PRO A 324 -21.30 -7.20 -1.22
C PRO A 324 -20.35 -6.02 -1.06
N ALA A 325 -19.07 -6.34 -0.98
CA ALA A 325 -18.01 -5.35 -0.82
C ALA A 325 -17.96 -4.32 -1.94
N LEU A 326 -18.39 -4.72 -3.14
CA LEU A 326 -18.42 -3.83 -4.30
C LEU A 326 -19.20 -2.54 -4.02
N SER A 327 -20.33 -2.67 -3.32
CA SER A 327 -21.19 -1.54 -2.99
C SER A 327 -20.45 -0.47 -2.19
N VAL A 328 -19.49 -0.89 -1.37
CA VAL A 328 -18.63 0.05 -0.65
C VAL A 328 -17.81 0.88 -1.64
N TYR A 329 -17.13 0.20 -2.57
CA TYR A 329 -16.38 0.86 -3.65
C TYR A 329 -17.30 1.65 -4.56
N ALA A 330 -18.55 1.24 -4.62
CA ALA A 330 -19.53 1.94 -5.44
C ALA A 330 -19.83 3.32 -4.86
N ALA A 331 -19.81 3.41 -3.54
CA ALA A 331 -20.11 4.66 -2.84
C ALA A 331 -18.90 5.58 -2.73
N LEU A 332 -17.72 5.00 -2.60
CA LEU A 332 -16.49 5.78 -2.45
C LEU A 332 -15.66 5.81 -3.73
N ILE A 344 -8.82 4.24 -4.01
CA ILE A 344 -9.50 3.00 -3.64
C ILE A 344 -9.26 2.96 -2.12
N LEU A 345 -9.87 2.07 -1.34
CA LEU A 345 -9.96 2.30 0.12
C LEU A 345 -8.63 2.50 0.89
N ASP A 346 -7.65 1.65 0.62
CA ASP A 346 -6.24 1.99 0.64
C ASP A 346 -5.88 2.13 -0.83
N GLY A 347 -4.75 2.78 -1.12
CA GLY A 347 -4.46 3.19 -2.49
C GLY A 347 -4.31 2.16 -3.59
N GLY A 351 2.07 3.19 -12.30
CA GLY A 351 2.49 2.62 -13.57
C GLY A 351 3.70 1.69 -13.54
N ALA A 352 4.71 2.04 -12.76
CA ALA A 352 5.92 1.24 -12.67
C ALA A 352 5.65 -0.09 -11.99
N ARG A 353 4.84 -0.06 -10.95
CA ARG A 353 4.46 -1.26 -10.22
C ARG A 353 3.55 -2.13 -11.06
N VAL A 354 2.64 -1.49 -11.80
CA VAL A 354 1.86 -2.16 -12.84
C VAL A 354 2.80 -2.84 -13.82
N ALA A 355 3.88 -2.13 -14.16
CA ALA A 355 4.81 -2.59 -15.18
C ALA A 355 5.67 -3.77 -14.76
N GLU A 356 6.25 -3.73 -13.55
CA GLU A 356 7.14 -4.80 -13.11
C GLU A 356 6.38 -6.10 -12.92
N VAL A 357 5.09 -5.99 -12.59
CA VAL A 357 4.22 -7.16 -12.53
C VAL A 357 3.92 -7.65 -13.94
N TYR A 358 3.45 -6.75 -14.80
CA TYR A 358 3.10 -7.08 -16.19
C TYR A 358 4.28 -7.71 -16.91
N ALA A 359 5.46 -7.13 -16.75
CA ALA A 359 6.65 -7.64 -17.42
C ALA A 359 7.10 -8.99 -16.86
N THR A 360 7.08 -9.13 -15.53
CA THR A 360 7.47 -10.37 -14.87
C THR A 360 6.56 -11.54 -15.22
N LEU A 361 5.26 -11.33 -15.03
CA LEU A 361 4.25 -12.35 -15.35
C LEU A 361 4.35 -12.80 -16.81
N SER A 362 4.58 -11.85 -17.71
CA SER A 362 4.70 -12.15 -19.13
C SER A 362 5.97 -12.94 -19.43
N TYR A 363 7.11 -12.48 -18.90
CA TYR A 363 8.39 -13.14 -19.11
C TYR A 363 8.32 -14.61 -18.75
N TYR A 364 7.84 -14.89 -17.56
CA TYR A 364 7.63 -16.27 -17.12
C TYR A 364 6.60 -17.00 -17.96
N GLY A 365 5.34 -16.62 -17.81
CA GLY A 365 4.25 -17.32 -18.46
C GLY A 365 3.80 -18.51 -17.61
N LYS A 366 2.67 -19.12 -17.97
CA LYS A 366 2.17 -20.28 -17.22
C LYS A 366 3.20 -21.40 -17.13
N ASN A 367 3.57 -21.97 -18.28
CA ASN A 367 4.52 -23.09 -18.32
C ASN A 367 5.67 -22.99 -17.33
N LYS A 368 6.26 -21.81 -17.20
CA LYS A 368 7.34 -21.65 -16.23
C LYS A 368 6.78 -21.65 -14.81
N TYR A 369 5.66 -20.95 -14.63
CA TYR A 369 5.02 -20.89 -13.32
C TYR A 369 4.50 -22.26 -12.87
N GLN A 370 3.85 -23.00 -13.78
CA GLN A 370 3.37 -24.33 -13.41
C GLN A 370 4.54 -25.29 -13.16
N GLU A 371 5.56 -25.25 -14.02
CA GLU A 371 6.74 -26.10 -13.86
C GLU A 371 7.35 -25.94 -12.49
N ILE A 372 7.62 -24.69 -12.11
CA ILE A 372 8.17 -24.39 -10.80
C ILE A 372 7.24 -24.91 -9.71
N ALA A 373 5.96 -24.62 -9.86
CA ALA A 373 4.95 -24.98 -8.85
C ALA A 373 5.01 -26.46 -8.49
N LYS A 374 4.89 -27.33 -9.49
CA LYS A 374 4.92 -28.76 -9.28
C LYS A 374 6.27 -29.26 -8.77
N SER A 375 7.36 -28.66 -9.23
CA SER A 375 8.69 -29.03 -8.74
C SER A 375 8.83 -28.75 -7.25
N ILE A 376 8.23 -27.65 -6.80
CA ILE A 376 8.19 -27.31 -5.39
C ILE A 376 7.41 -28.37 -4.62
N ILE A 377 6.32 -28.85 -5.20
CA ILE A 377 5.48 -29.86 -4.55
C ILE A 377 6.18 -31.22 -4.44
N ARG A 378 6.88 -31.64 -5.51
CA ARG A 378 7.62 -32.90 -5.48
C ARG A 378 8.72 -32.82 -4.43
N LEU A 379 9.31 -31.63 -4.31
CA LEU A 379 10.36 -31.41 -3.31
C LEU A 379 9.80 -31.52 -1.89
N ARG A 380 8.57 -31.07 -1.68
CA ARG A 380 7.94 -31.17 -0.37
C ARG A 380 7.77 -32.63 0.05
N ASN A 381 7.25 -33.44 -0.88
CA ASN A 381 7.20 -34.90 -0.69
C ASN A 381 8.60 -35.48 -0.46
N ALA A 382 9.58 -35.07 -1.25
CA ALA A 382 10.95 -35.55 -1.11
C ALA A 382 11.49 -35.41 0.31
N ILE A 383 11.40 -34.20 0.86
CA ILE A 383 11.79 -33.90 2.24
C ILE A 383 11.04 -34.79 3.22
N GLN A 384 9.74 -34.90 3.05
CA GLN A 384 8.91 -35.68 3.97
C GLN A 384 9.28 -37.16 4.02
N LYS A 385 9.67 -37.72 2.87
CA LYS A 385 9.82 -39.16 2.77
C LYS A 385 11.26 -39.60 2.99
N GLU A 386 12.18 -38.63 2.90
CA GLU A 386 13.57 -38.81 3.30
C GLU A 386 13.67 -38.68 4.81
N LEU A 387 12.73 -37.93 5.39
CA LEU A 387 12.65 -37.73 6.83
C LEU A 387 11.93 -38.90 7.50
N THR A 388 10.85 -39.36 6.89
CA THR A 388 10.20 -40.58 7.33
C THR A 388 11.18 -41.75 7.19
N ALA A 389 11.98 -41.73 6.12
CA ALA A 389 13.03 -42.72 5.95
C ALA A 389 14.33 -42.27 6.62
N LEU A 390 14.26 -42.03 7.93
CA LEU A 390 15.43 -41.89 8.78
C LEU A 390 15.02 -42.23 10.21
N VAL A 391 13.74 -42.03 10.52
CA VAL A 391 13.10 -42.69 11.66
C VAL A 391 12.79 -44.13 11.23
N GLU A 392 13.48 -44.51 10.15
CA GLU A 392 13.52 -45.83 9.52
C GLU A 392 13.68 -47.05 10.44
N GLU A 393 14.87 -47.20 11.00
CA GLU A 393 15.29 -48.41 11.70
C GLU A 393 15.94 -47.99 13.01
N GLY A 394 16.72 -48.87 13.60
CA GLY A 394 17.11 -48.81 15.00
C GLY A 394 18.13 -47.79 15.43
N ASN A 395 18.33 -47.71 16.74
CA ASN A 395 19.59 -47.31 17.34
C ASN A 395 20.03 -45.83 17.41
N GLY A 396 19.10 -44.91 17.19
CA GLY A 396 17.98 -45.04 16.31
C GLY A 396 17.44 -43.63 16.40
N LEU A 397 16.61 -43.24 15.45
CA LEU A 397 15.79 -42.02 15.69
C LEU A 397 14.30 -42.18 15.38
N THR A 398 13.48 -41.35 16.01
CA THR A 398 12.03 -41.45 15.80
C THR A 398 11.29 -40.14 15.57
N SER A 399 10.01 -40.25 15.25
CA SER A 399 9.13 -39.12 14.96
C SER A 399 8.58 -38.45 16.22
N GLU A 400 9.13 -38.79 17.38
CA GLU A 400 8.84 -38.07 18.61
C GLU A 400 9.81 -36.92 18.74
N ASP A 401 10.99 -37.16 18.19
CA ASP A 401 12.14 -36.26 18.29
C ASP A 401 12.10 -35.14 17.25
N ILE A 402 11.51 -35.43 16.09
CA ILE A 402 11.13 -34.42 15.10
C ILE A 402 10.13 -35.03 14.12
N TYR A 403 8.98 -34.37 13.92
CA TYR A 403 8.02 -34.81 12.90
C TYR A 403 7.49 -33.62 12.10
N VAL A 404 6.87 -33.92 10.97
CA VAL A 404 6.21 -32.90 10.15
C VAL A 404 4.71 -32.91 10.46
N TYR A 405 4.16 -31.74 10.76
CA TYR A 405 2.82 -31.66 11.34
C TYR A 405 1.69 -31.72 10.32
N GLY A 406 0.86 -32.75 10.45
CA GLY A 406 -0.31 -32.93 9.61
C GLY A 406 -0.01 -33.53 8.25
N ASN A 407 -0.80 -33.16 7.26
CA ASN A 407 -0.61 -33.64 5.90
C ASN A 407 -0.57 -32.45 4.93
N PRO A 408 0.55 -31.71 4.95
CA PRO A 408 0.74 -30.50 4.12
C PRO A 408 0.66 -30.81 2.64
N GLN A 409 0.19 -29.88 1.83
CA GLN A 409 -0.06 -30.20 0.41
C GLN A 409 0.75 -29.34 -0.54
N TRP A 410 1.24 -28.22 -0.04
CA TRP A 410 1.74 -27.16 -0.89
C TRP A 410 3.23 -26.92 -0.75
N SER A 411 3.64 -25.75 -0.26
CA SER A 411 5.07 -25.44 -0.22
C SER A 411 5.67 -25.31 1.18
N ILE A 412 4.84 -25.38 2.22
CA ILE A 412 5.30 -25.18 3.59
C ILE A 412 5.39 -26.49 4.37
N LEU A 413 6.44 -26.66 5.18
CA LEU A 413 6.57 -27.82 6.06
C LEU A 413 6.84 -27.38 7.50
N GLY A 414 5.86 -27.60 8.38
CA GLY A 414 6.00 -27.25 9.77
C GLY A 414 6.60 -28.39 10.58
N PHE A 415 7.59 -28.08 11.41
CA PHE A 415 8.25 -29.12 12.18
C PHE A 415 7.95 -29.02 13.66
N ARG A 416 7.98 -30.15 14.35
CA ARG A 416 7.67 -30.22 15.78
C ARG A 416 8.63 -31.21 16.44
N SER A 417 8.57 -31.31 17.76
CA SER A 417 9.31 -32.31 18.52
C SER A 417 8.63 -32.52 19.86
N ASN A 418 8.56 -33.76 20.33
CA ASN A 418 7.91 -34.06 21.59
C ASN A 418 8.89 -34.60 22.63
N THR A 419 10.19 -34.46 22.35
CA THR A 419 11.24 -34.92 23.25
C THR A 419 12.31 -33.86 23.41
N CYS A 420 12.53 -33.10 22.34
CA CYS A 420 13.50 -32.03 22.33
C CYS A 420 12.79 -30.70 22.31
N ASN A 421 13.48 -29.68 21.81
CA ASN A 421 12.87 -28.37 21.66
C ASN A 421 13.11 -27.83 20.27
N ALA A 422 12.06 -27.85 19.46
CA ALA A 422 12.10 -27.46 18.05
C ALA A 422 12.88 -26.17 17.75
N HIS A 423 13.05 -25.32 18.76
CA HIS A 423 13.73 -24.04 18.56
C HIS A 423 15.26 -24.14 18.68
N PHE A 424 15.76 -24.86 19.68
CA PHE A 424 17.20 -25.15 19.75
C PHE A 424 17.62 -26.10 18.61
N ILE A 425 16.64 -26.65 17.91
CA ILE A 425 16.89 -27.47 16.73
C ILE A 425 17.09 -26.59 15.49
N ALA A 426 16.18 -25.63 15.29
CA ALA A 426 16.23 -24.76 14.13
C ALA A 426 17.37 -23.72 14.21
N ASP A 427 17.67 -23.27 15.43
CA ASP A 427 18.79 -22.36 15.66
C ASP A 427 20.13 -23.04 15.38
N GLU A 428 20.21 -24.34 15.62
CA GLU A 428 21.48 -25.05 15.48
C GLU A 428 21.56 -25.88 14.20
N LEU A 429 20.95 -25.38 13.13
CA LEU A 429 21.37 -25.78 11.79
C LEU A 429 21.73 -24.52 11.00
N GLU A 430 22.45 -23.62 11.67
CA GLU A 430 23.19 -22.54 11.02
C GLU A 430 23.88 -23.03 9.77
N LYS A 431 24.59 -24.15 9.92
CA LYS A 431 25.06 -24.98 8.83
C LYS A 431 24.07 -25.05 7.67
N TRP A 434 20.31 -22.55 7.41
CA TRP A 434 19.19 -22.54 6.47
C TRP A 434 18.24 -21.44 6.88
N LYS A 435 17.68 -20.72 5.89
CA LYS A 435 16.69 -19.70 6.20
C LYS A 435 15.40 -20.36 6.68
N LEU A 436 15.31 -20.60 7.98
CA LEU A 436 14.13 -21.22 8.56
C LEU A 436 13.33 -20.22 9.39
N ASN A 437 12.05 -20.54 9.61
CA ASN A 437 11.11 -19.59 10.17
C ASN A 437 10.51 -20.07 11.49
N LEU A 438 11.21 -19.79 12.59
CA LEU A 438 10.76 -20.13 13.93
C LEU A 438 9.38 -19.51 14.14
N LEU A 439 8.50 -20.38 14.68
CA LEU A 439 7.03 -20.21 14.93
C LEU A 439 6.53 -20.16 16.41
N GLN A 440 5.77 -19.12 16.73
CA GLN A 440 5.29 -18.91 18.10
C GLN A 440 4.05 -19.74 18.44
N ASN A 441 3.73 -19.77 19.73
CA ASN A 441 2.74 -20.66 20.31
C ASN A 441 3.15 -22.08 20.17
N PRO A 442 2.33 -22.98 19.46
CA PRO A 442 2.89 -24.35 19.40
C PRO A 442 4.29 -24.31 18.83
N ASP A 443 5.25 -24.81 19.60
CA ASP A 443 6.69 -24.53 19.41
C ASP A 443 7.24 -25.27 18.25
N GLY A 444 7.85 -24.50 17.35
CA GLY A 444 8.30 -25.05 16.09
C GLY A 444 8.85 -24.03 15.12
N PHE A 445 8.96 -24.45 13.88
CA PHE A 445 9.51 -23.65 12.80
C PHE A 445 9.04 -24.27 11.50
N HIS A 446 8.89 -23.47 10.45
CA HIS A 446 8.66 -24.09 9.15
C HIS A 446 9.68 -23.69 8.10
N LEU A 447 9.80 -24.54 7.09
CA LEU A 447 10.56 -24.25 5.88
C LEU A 447 9.55 -23.89 4.81
N CYS A 448 9.73 -22.75 4.15
CA CYS A 448 8.86 -22.40 3.04
C CYS A 448 9.60 -22.59 1.73
N LEU A 449 9.16 -23.59 0.95
CA LEU A 449 9.83 -23.89 -0.31
C LEU A 449 9.48 -22.89 -1.41
N THR A 450 10.50 -22.41 -2.11
CA THR A 450 10.32 -21.56 -3.28
C THR A 450 11.07 -22.14 -4.47
N HIS A 451 11.06 -21.41 -5.59
CA HIS A 451 11.74 -21.84 -6.81
C HIS A 451 13.23 -22.14 -6.59
N VAL A 452 13.86 -21.41 -5.66
CA VAL A 452 15.31 -21.53 -5.47
C VAL A 452 15.70 -22.86 -4.81
N HIS A 453 14.81 -23.38 -3.97
CA HIS A 453 15.07 -24.67 -3.32
C HIS A 453 15.00 -25.81 -4.34
N THR A 454 14.42 -25.52 -5.51
CA THR A 454 14.26 -26.52 -6.56
C THR A 454 15.47 -26.54 -7.51
N LEU A 455 16.26 -25.47 -7.50
CA LEU A 455 17.38 -25.32 -8.42
C LEU A 455 18.62 -26.11 -7.96
N VAL A 456 18.81 -26.17 -6.64
CA VAL A 456 19.89 -26.96 -6.05
C VAL A 456 19.65 -28.44 -6.29
N GLY A 457 20.69 -29.27 -6.19
CA GLY A 457 20.57 -30.68 -6.49
C GLY A 457 20.20 -31.55 -5.32
N SER A 458 19.01 -32.16 -5.40
CA SER A 458 18.47 -33.02 -4.35
C SER A 458 18.50 -32.32 -2.98
N PHE A 459 17.75 -31.24 -2.88
CA PHE A 459 17.61 -30.46 -1.65
C PHE A 459 17.37 -31.33 -0.42
N GLU A 460 16.46 -32.30 -0.54
CA GLU A 460 15.97 -33.04 0.62
C GLU A 460 17.01 -33.94 1.29
N THR A 461 17.97 -34.46 0.52
CA THR A 461 18.96 -35.38 1.07
C THR A 461 19.93 -34.67 1.99
N GLN A 462 20.16 -33.38 1.71
CA GLN A 462 21.18 -32.63 2.41
C GLN A 462 20.56 -31.75 3.50
N PHE A 463 19.32 -31.29 3.29
CA PHE A 463 18.64 -30.54 4.33
C PHE A 463 18.38 -31.45 5.55
N ILE A 464 18.04 -32.70 5.28
CA ILE A 464 17.70 -33.66 6.33
C ILE A 464 18.90 -34.22 7.06
N LYS A 465 20.02 -34.41 6.36
CA LYS A 465 21.20 -34.93 7.06
C LYS A 465 21.79 -33.79 7.87
N ASP A 466 21.36 -32.58 7.54
CA ASP A 466 21.63 -31.41 8.37
C ASP A 466 20.61 -31.39 9.50
N LEU A 467 19.47 -32.05 9.27
CA LEU A 467 18.35 -31.97 10.20
C LEU A 467 18.43 -33.02 11.32
N ARG A 468 19.07 -34.11 10.99
CA ARG A 468 19.55 -35.16 11.91
C ARG A 468 20.73 -34.78 12.83
N GLU A 469 21.67 -34.10 12.26
CA GLU A 469 22.79 -33.46 12.95
C GLU A 469 22.21 -32.43 13.92
N ALA A 470 21.19 -31.71 13.45
CA ALA A 470 20.49 -30.74 14.26
C ALA A 470 19.79 -31.37 15.47
N VAL A 471 19.23 -32.57 15.30
CA VAL A 471 18.55 -33.22 16.42
C VAL A 471 19.52 -34.04 17.31
N ILE A 472 20.55 -34.64 16.70
CA ILE A 472 21.60 -35.32 17.49
C ILE A 472 22.20 -34.38 18.54
N ASP A 473 22.54 -33.18 18.14
CA ASP A 473 23.09 -32.29 19.12
C ASP A 473 22.06 -31.98 20.23
N VAL A 474 20.84 -31.65 19.83
CA VAL A 474 19.78 -31.20 20.74
C VAL A 474 19.29 -32.22 21.74
N LYS A 475 19.26 -33.47 21.30
CA LYS A 475 18.89 -34.52 22.19
C LYS A 475 19.96 -34.62 23.25
N GLU B 53 -6.13 -11.41 -22.36
CA GLU B 53 -7.28 -11.82 -21.58
C GLU B 53 -6.89 -12.91 -20.58
N GLU B 54 -5.62 -13.28 -20.62
CA GLU B 54 -5.10 -14.42 -19.91
C GLU B 54 -3.58 -14.27 -19.86
N ILE B 55 -2.88 -15.00 -18.99
CA ILE B 55 -1.43 -14.91 -18.95
C ILE B 55 -0.85 -15.83 -20.02
N PRO B 56 0.12 -15.30 -20.80
CA PRO B 56 0.83 -16.10 -21.80
C PRO B 56 1.19 -17.48 -21.29
N GLU B 57 0.61 -18.53 -21.86
CA GLU B 57 0.85 -19.87 -21.35
C GLU B 57 2.34 -20.20 -21.41
N GLU B 58 3.01 -19.54 -22.33
CA GLU B 58 4.44 -19.70 -22.50
C GLU B 58 5.09 -18.32 -22.61
N GLY B 59 6.25 -18.17 -21.97
CA GLY B 59 6.90 -16.86 -21.86
C GLY B 59 7.06 -16.09 -23.15
N LEU B 60 6.89 -14.77 -23.06
CA LEU B 60 7.13 -13.89 -24.20
C LEU B 60 8.56 -13.35 -24.13
N SER B 61 9.16 -13.12 -25.29
CA SER B 61 10.53 -12.61 -25.36
C SER B 61 10.58 -11.17 -24.87
N PRO B 62 11.75 -10.75 -24.36
CA PRO B 62 11.94 -9.38 -23.84
C PRO B 62 11.68 -8.31 -24.89
N GLN B 63 11.97 -8.58 -26.15
CA GLN B 63 11.70 -7.61 -27.20
C GLN B 63 10.19 -7.37 -27.28
N ASP B 64 9.43 -8.45 -27.46
CA ASP B 64 7.98 -8.37 -27.58
C ASP B 64 7.31 -7.80 -26.33
N ILE B 65 7.93 -7.96 -25.17
CA ILE B 65 7.39 -7.43 -23.92
C ILE B 65 7.53 -5.91 -23.86
N LEU B 66 8.76 -5.41 -23.88
CA LEU B 66 8.99 -3.95 -23.81
C LEU B 66 8.50 -3.25 -25.08
N SER B 67 8.06 -4.04 -26.06
CA SER B 67 7.43 -3.51 -27.26
C SER B 67 5.98 -3.10 -26.96
N ALA B 68 5.46 -3.58 -25.84
CA ALA B 68 4.14 -3.15 -25.38
C ALA B 68 4.20 -1.68 -24.99
N PHE B 69 5.23 -1.34 -24.20
CA PHE B 69 5.57 0.00 -23.75
C PHE B 69 6.11 1.04 -24.72
N ASP B 72 13.01 -0.82 -28.21
CA ASP B 72 14.32 -0.77 -27.59
C ASP B 72 15.24 0.31 -28.15
N VAL B 73 15.76 1.15 -27.24
CA VAL B 73 16.81 2.13 -27.54
C VAL B 73 18.07 1.78 -26.75
N GLU B 74 18.16 0.51 -26.38
CA GLU B 74 18.85 0.01 -25.19
C GLU B 74 20.21 -0.60 -25.52
N LYS B 75 21.09 -0.64 -24.54
CA LYS B 75 22.43 -1.18 -24.75
C LYS B 75 22.43 -2.72 -24.77
N CYS B 76 21.83 -3.33 -23.75
CA CYS B 76 21.78 -4.79 -23.68
C CYS B 76 20.90 -5.33 -24.80
N HIS B 77 21.32 -6.45 -25.37
CA HIS B 77 20.78 -6.89 -26.64
C HIS B 77 19.75 -8.01 -26.44
N PHE B 78 18.50 -7.64 -26.22
CA PHE B 78 17.41 -8.59 -26.00
C PHE B 78 16.99 -9.29 -27.30
N ASP B 79 17.98 -9.69 -28.10
CA ASP B 79 17.75 -10.29 -29.39
C ASP B 79 18.32 -11.70 -29.45
N TYR B 106 3.56 16.48 -19.73
CA TYR B 106 4.35 15.95 -18.64
C TYR B 106 5.84 16.19 -18.89
N ALA B 107 6.60 16.44 -17.84
CA ALA B 107 8.05 16.63 -17.99
C ALA B 107 8.81 15.32 -17.86
N ILE B 108 9.72 15.06 -18.80
CA ILE B 108 10.59 13.89 -18.75
C ILE B 108 11.96 14.25 -18.16
N HIS B 109 12.37 13.48 -17.16
CA HIS B 109 13.60 13.75 -16.41
C HIS B 109 14.91 13.55 -17.20
N PRO B 110 15.91 14.34 -16.86
CA PRO B 110 17.25 14.25 -17.47
C PRO B 110 17.65 12.79 -17.59
N LYS B 111 18.13 12.36 -18.75
CA LYS B 111 18.29 10.94 -18.99
C LYS B 111 19.22 10.35 -17.93
N GLU B 112 20.17 11.14 -17.45
CA GLU B 112 21.09 10.70 -16.41
C GLU B 112 20.44 10.60 -15.03
N LEU B 113 19.19 11.04 -14.89
CA LEU B 113 18.43 10.75 -13.67
C LEU B 113 17.52 9.55 -13.92
N THR B 114 16.83 9.55 -15.06
CA THR B 114 15.94 8.46 -15.46
C THR B 114 16.63 7.10 -15.36
N GLU B 115 17.95 7.13 -15.51
CA GLU B 115 18.80 5.95 -15.49
C GLU B 115 19.52 5.79 -14.15
N LEU B 116 19.71 6.89 -13.42
CA LEU B 116 20.33 6.85 -12.10
C LEU B 116 19.39 6.04 -11.24
N LEU B 117 18.10 6.27 -11.52
CA LEU B 117 17.01 5.52 -10.93
C LEU B 117 16.98 4.09 -11.44
N LYS B 118 17.45 3.86 -12.66
CA LYS B 118 17.44 2.51 -13.24
C LYS B 118 18.37 1.54 -12.53
N GLU B 119 19.48 2.05 -12.02
CA GLU B 119 20.57 1.20 -11.53
C GLU B 119 20.53 1.07 -10.01
N VAL B 120 19.93 2.06 -9.36
CA VAL B 120 19.53 1.89 -7.98
C VAL B 120 18.41 0.86 -7.87
N TYR B 121 17.53 0.86 -8.87
CA TYR B 121 16.42 -0.08 -8.94
C TYR B 121 16.92 -1.51 -9.14
N GLY B 122 17.86 -1.70 -10.05
CA GLY B 122 18.42 -3.01 -10.31
C GLY B 122 19.16 -3.58 -9.11
N ALA B 123 19.51 -2.73 -8.16
CA ALA B 123 20.24 -3.14 -6.97
C ALA B 123 19.35 -3.23 -5.72
N THR B 124 18.03 -3.11 -5.90
CA THR B 124 17.10 -3.21 -4.77
C THR B 124 15.86 -4.00 -5.20
N ALA B 125 16.01 -4.83 -6.23
CA ALA B 125 14.97 -5.74 -6.68
C ALA B 125 15.57 -6.88 -7.50
N ILE B 137 20.38 -0.02 3.45
CA ILE B 137 19.06 0.42 3.02
C ILE B 137 18.33 1.05 4.20
N ASN B 138 18.56 0.50 5.40
CA ASN B 138 17.97 0.99 6.63
C ASN B 138 18.40 2.43 6.92
N ALA B 139 19.62 2.75 6.53
CA ALA B 139 20.20 4.07 6.71
C ALA B 139 19.41 5.17 6.00
N MSE B 140 19.05 4.92 4.74
CA MSE B 140 18.49 5.95 3.87
C MSE B 140 17.04 6.36 4.20
O MSE B 140 16.69 7.52 4.05
CB MSE B 140 18.57 5.48 2.42
CG MSE B 140 19.97 5.06 1.99
SE MSE B 140 20.05 4.49 0.14
CE MSE B 140 18.59 3.22 0.17
N GLN B 141 16.22 5.41 4.64
CA GLN B 141 14.85 5.72 5.07
C GLN B 141 14.86 6.64 6.28
N ALA B 142 15.69 6.29 7.27
CA ALA B 142 15.81 7.10 8.47
C ALA B 142 16.37 8.47 8.15
N GLU B 143 17.25 8.53 7.15
CA GLU B 143 17.80 9.80 6.69
C GLU B 143 16.75 10.59 5.89
N VAL B 144 16.08 9.93 4.94
CA VAL B 144 15.05 10.60 4.13
C VAL B 144 13.98 11.27 4.99
N ILE B 145 13.51 10.58 6.03
CA ILE B 145 12.53 11.13 6.96
C ILE B 145 13.09 12.35 7.71
N ARG B 146 14.32 12.25 8.18
CA ARG B 146 14.91 13.32 8.99
C ARG B 146 15.20 14.55 8.12
N TRP B 147 15.34 14.34 6.81
CA TRP B 147 15.33 15.43 5.85
C TRP B 147 13.97 16.12 5.91
N CYS B 148 12.91 15.33 5.76
CA CYS B 148 11.56 15.85 5.72
C CYS B 148 11.17 16.53 7.03
N GLN B 149 11.68 16.00 8.15
CA GLN B 149 11.40 16.58 9.46
C GLN B 149 12.08 17.94 9.62
N ASN B 150 13.11 18.19 8.81
CA ASN B 150 13.75 19.52 8.76
C ASN B 150 13.06 20.42 7.74
N LEU B 151 12.48 19.80 6.71
CA LEU B 151 11.72 20.53 5.69
C LEU B 151 10.51 21.22 6.31
N PHE B 152 10.07 20.68 7.44
CA PHE B 152 8.91 21.22 8.14
C PHE B 152 9.28 21.61 9.57
N HIS B 153 10.57 21.86 9.80
CA HIS B 153 11.09 22.37 11.07
C HIS B 153 10.60 21.55 12.27
N GLY B 154 10.72 20.24 12.16
CA GLY B 154 10.38 19.36 13.26
C GLY B 154 11.60 19.02 14.08
N SER B 155 11.39 18.33 15.19
CA SER B 155 12.49 17.86 16.01
C SER B 155 12.58 16.35 15.98
N LYS B 156 13.81 15.84 16.09
CA LYS B 156 14.03 14.41 16.03
C LYS B 156 13.73 13.68 17.33
N GLU B 157 12.69 14.13 18.01
CA GLU B 157 12.07 13.36 19.07
C GLU B 157 10.66 13.01 18.62
N GLY B 158 10.28 13.55 17.46
CA GLY B 158 9.02 13.22 16.83
C GLY B 158 9.06 11.83 16.22
N TYR B 159 8.28 11.60 15.17
CA TYR B 159 8.27 10.30 14.49
C TYR B 159 7.57 10.36 13.14
N GLY B 160 8.20 9.82 12.11
CA GLY B 160 7.62 9.79 10.78
C GLY B 160 7.91 8.51 10.00
N LEU B 161 7.18 8.31 8.90
CA LEU B 161 7.35 7.11 8.08
C LEU B 161 6.83 7.30 6.66
N LEU B 162 7.23 6.39 5.76
CA LEU B 162 6.83 6.45 4.37
C LEU B 162 5.57 5.60 4.14
N THR B 163 4.77 5.98 3.14
CA THR B 163 3.53 5.24 2.85
C THR B 163 3.28 5.29 1.35
N HIS B 164 2.21 4.70 0.95
CA HIS B 164 2.02 4.25 -0.38
C HIS B 164 1.49 5.38 -1.22
N GLY B 165 1.56 6.58 -0.70
CA GLY B 165 1.37 7.74 -1.51
C GLY B 165 0.04 8.41 -1.38
N GLY B 166 0.04 9.63 -0.85
CA GLY B 166 -1.21 10.28 -0.60
C GLY B 166 -2.00 9.48 0.39
N THR B 167 -3.18 9.12 -0.06
CA THR B 167 -4.28 9.02 0.89
C THR B 167 -3.84 8.29 2.16
N THR B 168 -2.84 7.47 1.96
CA THR B 168 -2.28 6.57 2.89
C THR B 168 -1.61 7.19 4.10
N SER B 169 -0.86 8.26 3.89
CA SER B 169 -0.26 9.06 4.94
C SER B 169 -1.37 9.74 5.75
N ILE B 170 -2.55 9.83 5.14
CA ILE B 170 -3.72 10.37 5.81
C ILE B 170 -4.50 9.24 6.55
N ILE B 171 -4.48 8.04 6.07
CA ILE B 171 -5.00 6.98 6.86
C ILE B 171 -4.15 6.69 8.10
N GLU B 172 -2.88 6.69 7.96
CA GLU B 172 -1.93 6.52 9.05
C GLU B 172 -2.24 7.43 10.24
N ALA B 173 -2.22 8.73 10.00
CA ALA B 173 -2.56 9.72 11.02
C ALA B 173 -3.97 9.51 11.58
N MSE B 174 -4.96 9.56 10.70
CA MSE B 174 -6.36 9.39 11.11
C MSE B 174 -6.60 8.08 11.85
O MSE B 174 -7.33 8.07 12.85
CB MSE B 174 -7.27 9.47 9.89
CG MSE B 174 -7.29 10.84 9.20
SE MSE B 174 -7.81 12.30 10.35
CE MSE B 174 -6.04 12.93 10.84
N ALA B 175 -5.99 7.00 11.38
CA ALA B 175 -6.09 5.72 12.07
C ALA B 175 -5.56 5.83 13.50
N ALA B 176 -4.28 6.15 13.63
CA ALA B 176 -3.63 6.23 14.92
C ALA B 176 -4.31 7.20 15.89
N TYR B 177 -4.99 8.20 15.35
CA TYR B 177 -5.66 9.21 16.16
C TYR B 177 -6.94 8.71 16.79
N VAL B 178 -7.68 7.87 16.06
CA VAL B 178 -8.89 7.28 16.61
C VAL B 178 -8.59 5.97 17.36
N ILE B 179 -7.36 5.49 17.24
CA ILE B 179 -6.89 4.37 18.05
C ILE B 179 -6.65 4.87 19.47
N ARG B 180 -6.03 6.05 19.59
CA ARG B 180 -5.78 6.64 20.90
C ARG B 180 -7.10 7.09 21.51
N ALA B 181 -7.91 7.78 20.72
CA ALA B 181 -9.23 8.25 21.16
C ALA B 181 -10.02 7.13 21.82
N ARG B 182 -10.02 5.96 21.19
CA ARG B 182 -10.60 4.77 21.78
C ARG B 182 -9.85 4.27 23.01
N ALA B 183 -8.53 4.16 22.90
CA ALA B 183 -7.73 3.73 24.03
C ALA B 183 -7.77 4.77 25.14
N LYS B 184 -8.13 6.00 24.78
CA LYS B 184 -8.41 7.06 25.76
C LYS B 184 -9.69 6.71 26.50
N GLY B 185 -10.62 6.11 25.77
CA GLY B 185 -11.92 5.75 26.31
C GLY B 185 -13.10 6.19 25.46
N ILE B 186 -12.83 6.75 24.29
CA ILE B 186 -13.87 7.37 23.48
C ILE B 186 -14.48 6.33 22.53
N ASP B 187 -15.80 6.14 22.60
CA ASP B 187 -16.48 5.10 21.84
C ASP B 187 -16.68 5.46 20.37
N TYR B 188 -17.21 6.65 20.11
CA TYR B 188 -17.52 7.06 18.75
C TYR B 188 -16.82 8.39 18.39
N PRO B 189 -15.50 8.33 18.12
CA PRO B 189 -14.65 9.51 17.90
C PRO B 189 -14.97 10.20 16.58
N GLU B 190 -14.73 11.52 16.48
CA GLU B 190 -14.95 12.18 15.21
C GLU B 190 -13.67 12.69 14.53
N ILE B 191 -13.73 12.79 13.22
CA ILE B 191 -12.72 13.50 12.44
C ILE B 191 -13.30 14.87 12.08
N VAL B 192 -12.66 15.94 12.54
CA VAL B 192 -13.16 17.28 12.26
C VAL B 192 -12.38 17.93 11.11
N VAL B 193 -13.05 18.12 9.98
CA VAL B 193 -12.42 18.68 8.78
C VAL B 193 -13.28 19.76 8.11
N PRO B 194 -12.65 20.66 7.34
CA PRO B 194 -13.38 21.60 6.48
C PRO B 194 -13.92 20.89 5.23
N GLU B 195 -14.95 21.44 4.57
CA GLU B 195 -15.58 20.76 3.43
C GLU B 195 -14.53 20.61 2.33
N THR B 196 -13.61 21.57 2.32
CA THR B 196 -12.57 21.68 1.31
C THR B 196 -11.47 20.66 1.54
N ALA B 197 -11.59 19.87 2.59
CA ALA B 197 -10.62 18.83 2.90
C ALA B 197 -10.62 17.73 1.85
N HIS B 198 -9.53 16.97 1.82
CA HIS B 198 -9.30 15.94 0.81
C HIS B 198 -10.31 14.80 0.98
N ALA B 199 -10.75 14.21 -0.13
CA ALA B 199 -11.75 13.14 -0.09
C ALA B 199 -11.23 11.91 0.67
N ALA B 200 -9.94 11.95 1.00
CA ALA B 200 -9.30 10.90 1.79
C ALA B 200 -9.55 11.03 3.29
N PHE B 201 -10.65 11.67 3.69
CA PHE B 201 -10.95 11.78 5.10
C PHE B 201 -12.25 11.04 5.45
N LYS B 202 -13.22 11.07 4.55
CA LYS B 202 -14.45 10.33 4.75
C LYS B 202 -14.10 8.85 4.80
N LYS B 203 -13.16 8.46 3.93
CA LYS B 203 -12.70 7.08 3.86
C LYS B 203 -12.02 6.61 5.12
N ALA B 204 -11.19 7.46 5.74
CA ALA B 204 -10.43 7.02 6.89
C ALA B 204 -11.37 6.96 8.07
N ALA B 205 -12.30 7.89 8.09
CA ALA B 205 -13.39 7.88 9.05
C ALA B 205 -14.16 6.57 8.95
N GLU B 206 -14.71 6.28 7.77
CA GLU B 206 -15.42 5.03 7.52
C GLU B 206 -14.54 3.80 7.72
N LEU B 207 -13.26 3.87 7.33
CA LEU B 207 -12.34 2.77 7.58
C LEU B 207 -12.17 2.56 9.07
N THR B 208 -11.76 3.61 9.77
CA THR B 208 -11.49 3.51 11.20
C THR B 208 -12.73 3.29 12.03
N GLY B 209 -13.90 3.33 11.39
CA GLY B 209 -15.15 3.32 12.13
C GLY B 209 -15.20 4.57 12.99
N ALA B 210 -15.13 5.74 12.33
CA ALA B 210 -15.17 7.03 13.02
C ALA B 210 -16.24 7.93 12.41
N ILE B 211 -16.53 9.03 13.07
CA ILE B 211 -17.55 9.96 12.59
C ILE B 211 -16.92 11.16 11.89
N LEU B 212 -17.22 11.37 10.62
CA LEU B 212 -16.64 12.52 9.92
C LEU B 212 -17.51 13.74 10.12
N ILE B 213 -16.96 14.74 10.82
CA ILE B 213 -17.64 16.01 11.01
C ILE B 213 -17.08 17.05 10.04
N THR B 214 -17.93 17.50 9.11
CA THR B 214 -17.51 18.42 8.05
C THR B 214 -17.91 19.86 8.34
N VAL B 215 -16.90 20.71 8.52
CA VAL B 215 -17.10 22.11 8.90
C VAL B 215 -17.01 23.05 7.70
N PRO B 216 -18.02 23.91 7.51
CA PRO B 216 -17.96 24.83 6.36
C PRO B 216 -16.86 25.88 6.47
N VAL B 217 -16.34 26.31 5.32
CA VAL B 217 -15.31 27.36 5.27
C VAL B 217 -15.90 28.71 4.89
N ASP B 218 -15.14 29.78 5.10
CA ASP B 218 -15.53 31.11 4.66
C ASP B 218 -15.78 31.12 3.16
N LYS B 219 -17.02 31.40 2.75
CA LYS B 219 -17.38 31.37 1.33
C LYS B 219 -16.81 32.55 0.52
N LYS B 220 -15.99 33.37 1.16
CA LYS B 220 -15.42 34.55 0.52
C LYS B 220 -13.93 34.33 0.29
N THR B 221 -13.31 33.63 1.23
CA THR B 221 -11.86 33.38 1.20
C THR B 221 -11.53 31.92 0.97
N GLY B 222 -12.52 31.05 1.18
CA GLY B 222 -12.31 29.62 0.98
C GLY B 222 -11.45 28.97 2.04
N ALA B 223 -11.19 29.71 3.13
CA ALA B 223 -10.44 29.18 4.26
C ALA B 223 -11.39 28.95 5.44
N VAL B 224 -11.18 27.87 6.20
CA VAL B 224 -12.06 27.58 7.34
C VAL B 224 -11.93 28.69 8.40
N ASN B 225 -13.04 29.04 9.03
CA ASN B 225 -13.04 29.98 10.15
C ASN B 225 -12.85 29.22 11.45
N PRO B 226 -11.71 29.43 12.10
CA PRO B 226 -11.34 28.73 13.34
C PRO B 226 -12.40 28.81 14.42
N ASN B 227 -13.15 29.92 14.44
CA ASN B 227 -14.23 30.10 15.40
C ASN B 227 -15.41 29.22 15.03
N VAL B 228 -15.67 29.09 13.73
CA VAL B 228 -16.69 28.18 13.23
C VAL B 228 -16.31 26.73 13.53
N MSE B 229 -15.01 26.42 13.48
CA MSE B 229 -14.54 25.06 13.77
C MSE B 229 -14.69 24.75 15.27
O MSE B 229 -14.91 23.60 15.64
CB MSE B 229 -13.08 24.87 13.32
CG MSE B 229 -12.54 23.47 13.60
SE MSE B 229 -10.92 22.96 12.64
CE MSE B 229 -11.67 22.73 10.86
N SER B 230 -14.58 25.78 16.08
CA SER B 230 -14.75 25.65 17.53
C SER B 230 -16.17 25.17 17.85
N SER B 231 -17.12 25.56 17.01
CA SER B 231 -18.51 25.14 17.16
C SER B 231 -18.69 23.69 16.71
N TYR B 232 -17.59 22.98 16.57
CA TYR B 232 -17.61 21.61 16.07
C TYR B 232 -16.72 20.64 16.85
N ILE B 233 -15.97 21.15 17.83
CA ILE B 233 -15.15 20.29 18.68
C ILE B 233 -15.77 20.01 20.06
N THR B 234 -15.92 18.72 20.37
CA THR B 234 -16.35 18.24 21.68
C THR B 234 -15.31 17.23 22.15
N ARG B 235 -15.65 16.43 23.17
CA ARG B 235 -14.70 15.48 23.75
C ARG B 235 -14.39 14.35 22.76
N ASN B 236 -15.37 14.01 21.93
CA ASN B 236 -15.26 12.93 20.96
C ASN B 236 -14.13 13.16 19.94
N THR B 237 -13.81 14.42 19.70
CA THR B 237 -12.81 14.82 18.70
C THR B 237 -11.46 14.15 18.88
N ALA B 238 -11.15 13.18 18.01
CA ALA B 238 -9.86 12.51 18.04
C ALA B 238 -8.77 13.36 17.40
N VAL B 239 -9.18 14.22 16.47
CA VAL B 239 -8.24 15.06 15.72
C VAL B 239 -8.99 16.09 14.88
N MSE B 240 -8.41 17.29 14.76
CA MSE B 240 -8.93 18.32 13.85
C MSE B 240 -7.93 18.49 12.70
O MSE B 240 -6.73 18.25 12.89
CB MSE B 240 -9.15 19.65 14.59
CG MSE B 240 -7.89 20.21 15.28
SE MSE B 240 -8.20 21.77 16.42
CE MSE B 240 -8.28 23.10 15.02
N VAL B 241 -8.40 18.88 11.52
CA VAL B 241 -7.54 18.91 10.33
C VAL B 241 -7.49 20.27 9.64
N GLY B 242 -6.29 20.73 9.30
CA GLY B 242 -6.14 21.91 8.47
C GLY B 242 -5.43 21.55 7.18
N SER B 243 -5.91 22.06 6.06
CA SER B 243 -5.29 21.78 4.77
C SER B 243 -4.34 22.91 4.40
N ALA B 244 -3.15 22.57 3.95
CA ALA B 244 -2.13 23.59 3.69
C ALA B 244 -1.36 23.33 2.41
N PRO B 245 -1.95 23.70 1.26
CA PRO B 245 -3.31 24.24 1.16
C PRO B 245 -4.37 23.17 0.95
N SER B 246 -5.56 23.56 0.50
CA SER B 246 -6.64 22.61 0.18
C SER B 246 -6.61 22.23 -1.30
N PHE B 247 -6.67 20.93 -1.59
CA PHE B 247 -6.60 20.40 -2.96
C PHE B 247 -7.51 21.06 -4.00
N MSE B 248 -8.72 21.41 -3.60
CA MSE B 248 -9.77 21.78 -4.55
C MSE B 248 -9.94 23.28 -4.81
O MSE B 248 -10.82 23.67 -5.59
CB MSE B 248 -11.09 21.19 -4.06
CG MSE B 248 -11.70 21.91 -2.87
SE MSE B 248 -13.15 20.90 -2.05
CE MSE B 248 -14.56 22.24 -2.13
N ASN B 249 -9.13 24.13 -4.19
CA ASN B 249 -9.12 25.55 -4.51
C ASN B 249 -7.73 26.18 -4.49
N GLY B 250 -6.78 25.51 -3.84
CA GLY B 250 -5.45 26.07 -3.65
C GLY B 250 -5.45 27.15 -2.59
N ILE B 251 -6.28 26.95 -1.57
CA ILE B 251 -6.39 27.89 -0.46
C ILE B 251 -6.13 27.19 0.87
N HIS B 252 -5.11 27.63 1.61
CA HIS B 252 -4.76 27.01 2.90
C HIS B 252 -5.57 27.61 4.04
N ASP B 253 -5.78 26.81 5.08
CA ASP B 253 -6.41 27.26 6.30
C ASP B 253 -5.39 28.04 7.09
N PRO B 254 -5.88 28.86 8.11
CA PRO B 254 -4.83 29.54 8.88
C PRO B 254 -4.33 28.56 9.93
N ILE B 255 -3.16 27.99 9.65
CA ILE B 255 -2.59 26.94 10.50
C ILE B 255 -2.27 27.43 11.89
N SER B 256 -1.74 28.65 11.97
CA SER B 256 -1.22 29.15 13.25
C SER B 256 -2.36 29.51 14.21
N GLU B 257 -3.49 29.92 13.65
CA GLU B 257 -4.69 30.21 14.44
C GLU B 257 -5.43 28.94 14.80
N LEU B 258 -5.52 28.01 13.84
CA LEU B 258 -6.10 26.70 14.12
C LEU B 258 -5.26 25.99 15.18
N GLY B 259 -3.95 26.25 15.16
CA GLY B 259 -3.06 25.71 16.18
C GLY B 259 -3.27 26.32 17.55
N GLN B 260 -3.73 27.56 17.59
CA GLN B 260 -4.12 28.21 18.83
C GLN B 260 -5.32 27.48 19.42
N LEU B 261 -6.38 27.38 18.63
CA LEU B 261 -7.60 26.67 18.99
C LEU B 261 -7.31 25.22 19.37
N ALA B 262 -6.29 24.64 18.75
CA ALA B 262 -5.89 23.27 19.06
C ALA B 262 -5.59 23.07 20.54
N LYS B 263 -4.54 23.70 21.04
CA LYS B 263 -4.11 23.46 22.41
C LYS B 263 -5.23 23.83 23.39
N LYS B 264 -5.94 24.92 23.08
CA LYS B 264 -6.94 25.45 23.99
C LYS B 264 -8.04 24.40 24.19
N LYS B 265 -8.33 23.64 23.14
CA LYS B 265 -9.26 22.51 23.29
C LYS B 265 -8.50 21.20 23.53
N ASN B 266 -7.17 21.28 23.42
CA ASN B 266 -6.26 20.18 23.75
C ASN B 266 -6.58 18.91 22.97
N VAL B 267 -6.60 19.03 21.65
CA VAL B 267 -6.83 17.91 20.74
C VAL B 267 -5.73 17.89 19.69
N PRO B 268 -5.46 16.72 19.09
CA PRO B 268 -4.49 16.67 17.98
C PRO B 268 -4.92 17.58 16.82
N PHE B 269 -3.97 18.03 16.01
CA PHE B 269 -4.27 18.97 14.92
C PHE B 269 -3.52 18.59 13.63
N HIS B 270 -3.94 17.53 12.98
CA HIS B 270 -3.25 17.10 11.75
C HIS B 270 -3.27 18.19 10.68
N VAL B 271 -2.10 18.51 10.15
CA VAL B 271 -1.98 19.36 8.98
C VAL B 271 -1.80 18.51 7.74
N ASP B 272 -2.81 18.48 6.88
CA ASP B 272 -2.66 17.82 5.58
C ASP B 272 -1.96 18.76 4.61
N ALA B 273 -0.76 18.35 4.21
CA ALA B 273 0.03 19.10 3.24
C ALA B 273 0.48 18.17 2.13
N CYS B 274 -0.34 17.15 1.87
CA CYS B 274 -0.04 16.17 0.82
C CYS B 274 0.21 16.87 -0.51
N LEU B 275 -0.61 17.85 -0.84
CA LEU B 275 -0.39 18.60 -2.06
C LEU B 275 0.72 19.64 -1.93
N GLY B 276 0.48 20.68 -1.13
CA GLY B 276 1.36 21.82 -1.09
C GLY B 276 2.61 21.66 -0.24
N GLY B 277 2.73 20.53 0.44
CA GLY B 277 3.87 20.27 1.30
C GLY B 277 5.25 20.47 0.69
N PHE B 278 5.48 19.93 -0.50
CA PHE B 278 6.82 19.99 -1.09
C PHE B 278 6.98 21.15 -2.07
N LEU B 279 6.03 22.08 -2.04
CA LEU B 279 6.19 23.35 -2.75
C LEU B 279 6.42 24.44 -1.71
N THR B 280 5.68 24.37 -0.61
CA THR B 280 5.82 25.31 0.51
C THR B 280 7.11 25.13 1.31
N ALA B 281 7.55 23.89 1.46
CA ALA B 281 8.77 23.56 2.21
C ALA B 281 10.05 24.01 1.51
N PHE B 282 9.89 24.76 0.42
CA PHE B 282 11.02 25.35 -0.30
C PHE B 282 10.68 26.80 -0.61
N LEU B 283 9.69 27.32 0.11
CA LEU B 283 9.27 28.71 -0.04
C LEU B 283 9.34 29.42 1.30
N ASP B 284 9.27 30.75 1.28
CA ASP B 284 9.43 31.50 2.51
C ASP B 284 8.14 31.64 3.30
N THR B 285 7.70 30.53 3.89
CA THR B 285 6.65 30.56 4.90
C THR B 285 7.34 30.77 6.24
N SER B 286 7.11 31.94 6.85
CA SER B 286 7.83 32.34 8.06
C SER B 286 7.00 33.33 8.88
N SER B 287 6.28 34.21 8.18
CA SER B 287 5.34 35.12 8.82
C SER B 287 3.98 34.44 8.95
N GLU B 288 3.84 33.32 8.25
CA GLU B 288 2.70 32.41 8.41
C GLU B 288 3.08 30.96 8.12
N PRO B 289 3.80 30.34 9.07
CA PRO B 289 4.24 28.94 8.99
C PRO B 289 3.07 27.95 9.01
N MSE B 290 3.28 26.75 8.49
CA MSE B 290 2.21 25.74 8.43
C MSE B 290 2.73 24.36 8.82
O MSE B 290 2.14 23.34 8.46
CB MSE B 290 1.61 25.68 7.01
CG MSE B 290 1.18 27.02 6.47
SE MSE B 290 0.78 26.96 4.56
CE MSE B 290 0.83 28.87 4.24
N ASP B 291 3.84 24.34 9.56
CA ASP B 291 4.47 23.11 10.00
C ASP B 291 4.60 23.03 11.52
N PHE B 292 5.69 22.43 12.00
CA PHE B 292 5.87 22.22 13.43
C PHE B 292 6.29 23.50 14.16
N ARG B 293 6.56 24.55 13.40
CA ARG B 293 6.82 25.88 13.98
C ARG B 293 5.54 26.46 14.56
N VAL B 294 4.41 25.82 14.27
CA VAL B 294 3.15 26.15 14.89
C VAL B 294 2.88 25.19 16.05
N PRO B 295 2.92 25.69 17.29
CA PRO B 295 2.73 24.89 18.50
C PRO B 295 1.43 24.08 18.49
N GLY B 296 1.52 22.79 18.77
CA GLY B 296 0.37 21.92 18.78
C GLY B 296 -0.15 21.48 17.42
N VAL B 297 0.80 21.29 16.49
CA VAL B 297 0.54 20.77 15.16
C VAL B 297 1.26 19.44 15.17
N THR B 298 0.57 18.46 15.74
CA THR B 298 1.18 17.21 16.13
C THR B 298 1.66 16.44 14.92
N SER B 299 0.82 16.53 13.91
CA SER B 299 0.90 15.71 12.68
C SER B 299 0.94 16.53 11.39
N ILE B 300 1.75 16.05 10.45
CA ILE B 300 1.79 16.58 9.09
C ILE B 300 1.90 15.45 8.08
N SER B 301 1.02 15.43 7.08
CA SER B 301 1.11 14.49 5.94
C SER B 301 1.58 15.24 4.70
N ALA B 302 2.48 14.63 3.93
CA ALA B 302 2.95 15.24 2.69
C ALA B 302 3.16 14.19 1.61
N ASP B 303 2.85 14.54 0.37
CA ASP B 303 3.07 13.64 -0.77
C ASP B 303 4.35 14.00 -1.52
N LEU B 304 5.24 13.04 -1.68
CA LEU B 304 6.50 13.26 -2.39
C LEU B 304 6.41 13.59 -3.89
N HIS B 305 5.46 12.98 -4.58
CA HIS B 305 5.47 12.87 -6.02
C HIS B 305 5.47 14.10 -6.86
N LYS B 306 4.53 15.00 -6.63
CA LYS B 306 4.27 16.14 -7.52
C LYS B 306 5.31 17.25 -7.48
N TYR B 307 5.83 17.54 -6.30
CA TYR B 307 6.82 18.58 -6.06
C TYR B 307 8.15 18.02 -5.57
N GLY B 308 8.12 16.87 -4.88
CA GLY B 308 9.32 16.10 -4.64
C GLY B 308 9.85 15.43 -5.89
N CYS B 309 9.01 15.40 -6.93
CA CYS B 309 9.36 14.83 -8.25
C CYS B 309 9.80 13.37 -8.19
N CYS B 310 9.40 12.67 -7.14
CA CYS B 310 9.58 11.22 -7.06
C CYS B 310 8.48 10.55 -7.85
N PRO B 311 8.72 9.30 -8.29
CA PRO B 311 7.67 8.50 -8.93
C PRO B 311 6.39 8.42 -8.11
N LYS B 312 5.23 8.32 -8.76
CA LYS B 312 3.97 8.28 -8.05
C LYS B 312 3.84 6.97 -7.28
N GLY B 313 3.91 7.05 -5.95
CA GLY B 313 3.81 5.86 -5.14
C GLY B 313 4.49 5.94 -3.78
N THR B 314 4.91 7.13 -3.38
CA THR B 314 5.50 7.29 -2.05
C THR B 314 5.02 8.58 -1.40
N SER B 315 5.05 8.61 -0.08
CA SER B 315 4.71 9.80 0.69
C SER B 315 5.31 9.71 2.08
N VAL B 316 5.12 10.74 2.90
CA VAL B 316 5.62 10.70 4.26
C VAL B 316 4.59 11.25 5.24
N CYS B 317 4.49 10.62 6.40
CA CYS B 317 3.59 11.08 7.47
C CYS B 317 4.40 11.32 8.73
N LEU B 318 4.47 12.58 9.16
CA LEU B 318 5.30 12.93 10.31
C LEU B 318 4.48 13.23 11.56
N PHE B 319 4.94 12.73 12.70
CA PHE B 319 4.27 12.99 13.97
C PHE B 319 5.19 13.75 14.92
N SER B 320 4.61 14.60 15.76
CA SER B 320 5.38 15.32 16.75
C SER B 320 5.80 14.40 17.90
N GLU B 321 6.35 15.00 18.96
CA GLU B 321 6.72 14.27 20.15
C GLU B 321 5.64 14.50 21.21
N ASP B 322 4.91 15.60 21.03
CA ASP B 322 3.70 15.85 21.80
C ASP B 322 2.51 15.21 21.11
N SER B 323 2.77 14.62 19.95
CA SER B 323 1.76 13.91 19.16
C SER B 323 1.20 12.70 19.91
N PRO B 324 -0.01 12.82 20.48
CA PRO B 324 -0.58 11.79 21.34
C PRO B 324 -0.81 10.45 20.63
N ALA B 325 -0.38 10.39 19.36
CA ALA B 325 -0.51 9.20 18.53
C ALA B 325 0.64 8.22 18.71
N LEU B 326 1.75 8.67 19.29
CA LEU B 326 2.90 7.77 19.48
C LEU B 326 2.47 6.66 20.43
N SER B 327 1.52 7.00 21.31
CA SER B 327 0.81 6.06 22.17
C SER B 327 0.43 4.75 21.46
N VAL B 328 -0.03 4.89 20.22
CA VAL B 328 -0.49 3.76 19.42
C VAL B 328 0.66 2.97 18.80
N TYR B 329 1.63 3.68 18.24
CA TYR B 329 2.82 3.03 17.66
C TYR B 329 3.71 2.44 18.74
N ALA B 330 3.66 3.01 19.94
CA ALA B 330 4.46 2.51 21.05
C ALA B 330 3.94 1.19 21.58
N ALA B 331 2.75 0.80 21.14
CA ALA B 331 2.16 -0.47 21.56
C ALA B 331 2.99 -1.64 21.06
N LEU B 345 0.80 -0.93 11.33
CA LEU B 345 -0.40 -0.15 11.05
C LEU B 345 -1.02 -0.44 9.68
N ASP B 346 -1.13 0.56 8.85
CA ASP B 346 -1.42 0.36 7.47
C ASP B 346 -0.05 0.05 6.97
N GLY B 347 0.17 0.21 5.68
CA GLY B 347 1.51 0.32 5.19
C GLY B 347 2.40 -0.90 5.29
N SER B 348 2.83 -1.29 4.12
CA SER B 348 3.80 -2.35 3.86
C SER B 348 5.09 -1.84 3.22
N THR B 349 6.15 -2.62 3.34
CA THR B 349 7.49 -2.16 2.98
C THR B 349 7.98 -2.69 1.63
N SER B 350 9.00 -2.00 1.11
CA SER B 350 9.61 -2.29 -0.17
C SER B 350 10.85 -1.40 -0.35
N GLY B 351 12.03 -1.99 -0.15
CA GLY B 351 13.29 -1.25 -0.14
C GLY B 351 13.60 -0.34 -1.32
N ALA B 352 13.18 -0.72 -2.51
CA ALA B 352 13.53 0.03 -3.71
C ALA B 352 12.89 1.41 -3.73
N ARG B 353 11.77 1.52 -3.02
CA ARG B 353 10.90 2.68 -3.10
C ARG B 353 11.39 3.76 -2.13
N VAL B 354 12.19 3.33 -1.15
CA VAL B 354 13.02 4.22 -0.37
C VAL B 354 14.13 4.74 -1.26
N ALA B 355 14.82 3.81 -1.91
CA ALA B 355 15.96 4.12 -2.76
C ALA B 355 15.65 5.12 -3.87
N GLU B 356 14.49 4.96 -4.51
CA GLU B 356 14.11 5.83 -5.62
C GLU B 356 13.84 7.26 -5.15
N VAL B 357 13.52 7.40 -3.87
CA VAL B 357 13.26 8.70 -3.27
C VAL B 357 14.56 9.30 -2.74
N TYR B 358 15.37 8.48 -2.08
CA TYR B 358 16.67 8.91 -1.55
C TYR B 358 17.55 9.41 -2.68
N ALA B 359 17.51 8.69 -3.80
CA ALA B 359 18.27 9.08 -4.98
C ALA B 359 17.70 10.32 -5.67
N THR B 360 16.38 10.54 -5.55
CA THR B 360 15.70 11.61 -6.27
C THR B 360 15.82 12.97 -5.56
N LEU B 361 15.53 13.00 -4.26
CA LEU B 361 15.69 14.21 -3.46
C LEU B 361 17.13 14.71 -3.52
N SER B 362 18.06 13.77 -3.45
CA SER B 362 19.49 14.07 -3.54
C SER B 362 19.87 14.63 -4.91
N TYR B 363 19.39 14.00 -5.98
CA TYR B 363 19.77 14.42 -7.32
C TYR B 363 19.27 15.82 -7.65
N TYR B 364 18.01 16.09 -7.33
CA TYR B 364 17.49 17.43 -7.50
C TYR B 364 18.29 18.40 -6.62
N GLY B 365 18.36 18.11 -5.33
CA GLY B 365 18.98 19.02 -4.39
C GLY B 365 17.93 19.97 -3.85
N LYS B 366 18.32 20.80 -2.88
CA LYS B 366 17.35 21.62 -2.14
C LYS B 366 16.88 22.87 -2.91
N ASN B 367 17.82 23.70 -3.36
CA ASN B 367 17.45 24.93 -4.06
C ASN B 367 17.09 24.70 -5.52
N LYS B 368 17.11 23.44 -5.96
CA LYS B 368 16.49 23.10 -7.24
C LYS B 368 15.00 22.97 -7.03
N TYR B 369 14.64 22.41 -5.88
CA TYR B 369 13.25 22.35 -5.47
C TYR B 369 12.72 23.77 -5.23
N GLN B 370 13.58 24.65 -4.74
CA GLN B 370 13.18 26.03 -4.47
C GLN B 370 12.85 26.79 -5.76
N GLU B 371 13.71 26.67 -6.77
CA GLU B 371 13.50 27.41 -8.02
C GLU B 371 12.28 26.95 -8.80
N ILE B 372 11.89 25.68 -8.67
CA ILE B 372 10.66 25.23 -9.29
C ILE B 372 9.48 25.86 -8.56
N ALA B 373 9.55 25.85 -7.23
CA ALA B 373 8.48 26.42 -6.41
C ALA B 373 8.22 27.89 -6.74
N LYS B 374 9.27 28.70 -6.69
CA LYS B 374 9.16 30.12 -7.00
C LYS B 374 8.71 30.36 -8.44
N SER B 375 9.07 29.44 -9.34
CA SER B 375 8.68 29.59 -10.74
C SER B 375 7.21 29.22 -10.96
N ILE B 376 6.74 28.23 -10.21
CA ILE B 376 5.33 27.86 -10.24
C ILE B 376 4.45 29.02 -9.74
N ILE B 377 4.91 29.72 -8.70
CA ILE B 377 4.20 30.90 -8.17
C ILE B 377 4.20 32.09 -9.12
N ARG B 378 5.38 32.42 -9.66
CA ARG B 378 5.50 33.48 -10.66
C ARG B 378 4.51 33.23 -11.79
N LEU B 379 4.43 31.98 -12.22
CA LEU B 379 3.48 31.57 -13.25
C LEU B 379 2.03 31.70 -12.77
N ARG B 380 1.80 31.49 -11.48
CA ARG B 380 0.45 31.57 -10.93
C ARG B 380 -0.05 33.02 -10.98
N ASN B 381 0.77 33.94 -10.48
CA ASN B 381 0.55 35.37 -10.67
C ASN B 381 0.34 35.70 -12.15
N ALA B 382 1.23 35.16 -13.00
CA ALA B 382 1.19 35.40 -14.44
C ALA B 382 -0.15 35.06 -15.08
N ILE B 383 -0.64 33.86 -14.81
CA ILE B 383 -1.93 33.40 -15.33
C ILE B 383 -3.07 34.31 -14.88
N GLN B 384 -3.00 34.77 -13.64
CA GLN B 384 -4.04 35.64 -13.08
C GLN B 384 -4.07 37.00 -13.79
N LYS B 385 -2.91 37.58 -14.06
CA LYS B 385 -2.84 38.87 -14.74
C LYS B 385 -3.33 38.81 -16.19
N GLU B 386 -3.11 37.68 -16.86
CA GLU B 386 -3.58 37.52 -18.24
C GLU B 386 -5.07 37.19 -18.25
N LEU B 387 -5.61 36.94 -17.06
CA LEU B 387 -7.01 36.58 -16.87
C LEU B 387 -7.87 37.81 -16.58
N THR B 388 -7.45 38.60 -15.60
CA THR B 388 -8.10 39.88 -15.31
C THR B 388 -7.83 40.86 -16.44
N ALA B 389 -6.82 40.55 -17.24
CA ALA B 389 -6.58 41.26 -18.48
C ALA B 389 -7.85 41.23 -19.32
N LEU B 390 -8.44 40.06 -19.52
CA LEU B 390 -9.52 39.99 -20.48
C LEU B 390 -10.56 41.02 -20.07
N VAL B 391 -10.60 41.36 -18.78
CA VAL B 391 -11.65 42.20 -18.22
C VAL B 391 -11.17 43.64 -18.39
N GLU B 392 -10.37 43.85 -19.42
CA GLU B 392 -9.93 45.18 -19.86
C GLU B 392 -10.41 45.39 -21.30
N GLU B 393 -11.37 44.56 -21.69
CA GLU B 393 -11.79 44.46 -23.08
C GLU B 393 -12.92 45.40 -23.48
N LEU B 397 -15.70 39.94 -22.22
CA LEU B 397 -15.87 38.98 -21.14
C LEU B 397 -15.72 39.63 -19.77
N THR B 398 -16.53 39.18 -18.82
CA THR B 398 -16.62 39.88 -17.54
C THR B 398 -16.25 39.01 -16.33
N SER B 399 -16.15 39.69 -15.17
CA SER B 399 -15.86 39.05 -13.89
C SER B 399 -16.62 37.75 -13.63
N GLU B 400 -17.85 37.78 -14.12
CA GLU B 400 -18.96 36.89 -13.82
C GLU B 400 -19.03 35.67 -14.73
N ASP B 401 -18.38 35.81 -15.88
CA ASP B 401 -18.31 34.73 -16.86
C ASP B 401 -17.41 33.66 -16.31
N ILE B 402 -16.25 34.09 -15.83
CA ILE B 402 -15.30 33.20 -15.17
C ILE B 402 -14.45 34.00 -14.19
N TYR B 403 -13.97 33.34 -13.14
CA TYR B 403 -13.07 33.97 -12.19
C TYR B 403 -12.24 32.95 -11.44
N VAL B 404 -11.11 33.39 -10.88
CA VAL B 404 -10.35 32.54 -9.96
C VAL B 404 -10.90 32.72 -8.55
N TYR B 405 -11.22 31.63 -7.87
CA TYR B 405 -11.80 31.71 -6.53
C TYR B 405 -10.77 32.06 -5.44
N GLY B 406 -11.01 33.15 -4.72
CA GLY B 406 -10.17 33.56 -3.61
C GLY B 406 -8.89 34.28 -3.99
N ASN B 407 -7.91 34.23 -3.09
CA ASN B 407 -6.58 34.79 -3.33
C ASN B 407 -5.50 33.72 -3.11
N PRO B 408 -5.41 32.76 -4.04
CA PRO B 408 -4.50 31.62 -3.93
C PRO B 408 -3.04 32.04 -3.77
N GLN B 409 -2.21 31.15 -3.20
CA GLN B 409 -0.85 31.52 -2.85
C GLN B 409 0.19 30.58 -3.43
N TRP B 410 -0.27 29.53 -4.12
CA TRP B 410 0.61 28.44 -4.50
C TRP B 410 0.43 27.99 -5.94
N SER B 411 0.27 26.69 -6.12
CA SER B 411 0.31 26.09 -7.45
C SER B 411 -1.07 25.92 -8.10
N ILE B 412 -2.13 26.09 -7.31
CA ILE B 412 -3.47 25.80 -7.77
C ILE B 412 -4.31 27.04 -8.05
N LEU B 413 -4.99 27.05 -9.19
CA LEU B 413 -5.95 28.10 -9.52
C LEU B 413 -7.33 27.50 -9.85
N GLY B 414 -8.24 27.59 -8.89
CA GLY B 414 -9.59 27.09 -9.09
C GLY B 414 -10.41 28.08 -9.89
N PHE B 415 -11.16 27.60 -10.87
CA PHE B 415 -11.98 28.48 -11.67
C PHE B 415 -13.45 28.19 -11.45
N ARG B 416 -14.26 29.24 -11.37
CA ARG B 416 -15.71 29.09 -11.23
C ARG B 416 -16.43 30.12 -12.10
N SER B 417 -17.74 29.99 -12.17
CA SER B 417 -18.54 30.64 -13.19
C SER B 417 -20.00 30.53 -12.81
N ASN B 418 -20.66 31.67 -12.69
CA ASN B 418 -22.09 31.73 -12.36
C ASN B 418 -23.03 31.80 -13.55
N THR B 419 -22.48 31.98 -14.75
CA THR B 419 -23.28 32.05 -15.97
C THR B 419 -23.53 30.63 -16.47
N CYS B 420 -22.52 30.04 -17.07
CA CYS B 420 -22.55 28.61 -17.39
C CYS B 420 -22.00 27.82 -16.21
N ILE B 425 -16.86 24.20 -19.49
CA ILE B 425 -15.70 25.04 -19.77
C ILE B 425 -14.41 24.23 -19.55
N ALA B 426 -14.50 23.14 -18.81
CA ALA B 426 -13.32 22.36 -18.40
C ALA B 426 -12.97 21.21 -19.35
N ASP B 427 -13.91 20.28 -19.57
CA ASP B 427 -13.62 19.20 -20.53
C ASP B 427 -14.02 19.65 -21.93
N GLU B 428 -14.20 20.97 -22.09
CA GLU B 428 -14.33 21.57 -23.41
C GLU B 428 -12.95 22.21 -23.63
N LEU B 429 -12.30 22.55 -22.52
CA LEU B 429 -10.92 23.02 -22.50
C LEU B 429 -9.95 21.87 -22.80
N GLU B 430 -9.97 21.32 -23.99
CA GLU B 430 -9.05 20.22 -24.24
C GLU B 430 -7.88 20.68 -25.08
N LYS B 431 -7.74 21.99 -25.23
CA LYS B 431 -6.77 22.51 -26.18
C LYS B 431 -5.33 22.42 -25.69
N LEU B 439 -14.05 19.36 -10.62
CA LEU B 439 -14.00 19.87 -9.26
C LEU B 439 -15.30 19.70 -8.52
N GLN B 440 -15.18 19.55 -7.21
CA GLN B 440 -16.31 19.25 -6.34
C GLN B 440 -17.51 20.18 -6.40
N ASN B 441 -18.31 20.08 -5.35
CA ASN B 441 -19.71 20.44 -5.39
C ASN B 441 -20.06 21.89 -5.74
N PRO B 442 -19.21 22.91 -5.32
CA PRO B 442 -19.37 24.11 -6.12
C PRO B 442 -18.63 23.74 -7.35
N ASP B 443 -19.34 23.58 -8.46
CA ASP B 443 -18.72 22.99 -9.63
C ASP B 443 -17.63 23.94 -10.01
N GLY B 444 -16.54 23.39 -10.55
CA GLY B 444 -15.42 24.17 -11.03
C GLY B 444 -14.30 23.29 -11.51
N PHE B 445 -13.22 23.91 -11.91
CA PHE B 445 -12.04 23.15 -12.28
C PHE B 445 -10.85 23.96 -11.81
N HIS B 446 -9.95 23.31 -11.11
CA HIS B 446 -8.68 23.97 -10.85
C HIS B 446 -7.58 23.43 -11.74
N LEU B 447 -6.65 24.32 -12.06
CA LEU B 447 -5.43 23.97 -12.73
C LEU B 447 -4.35 23.80 -11.68
N CYS B 448 -3.74 22.62 -11.65
CA CYS B 448 -2.64 22.39 -10.74
C CYS B 448 -1.33 22.67 -11.48
N LEU B 449 -0.67 23.76 -11.14
CA LEU B 449 0.58 24.10 -11.82
C LEU B 449 1.72 23.21 -11.32
N THR B 450 2.74 23.09 -12.15
CA THR B 450 3.76 22.05 -12.01
C THR B 450 5.00 22.46 -12.79
N HIS B 451 6.16 21.95 -12.39
CA HIS B 451 7.43 22.10 -13.10
C HIS B 451 7.26 22.13 -14.63
N VAL B 452 6.49 21.21 -15.20
CA VAL B 452 6.35 21.14 -16.65
C VAL B 452 5.67 22.41 -17.19
N HIS B 453 4.72 22.94 -16.42
CA HIS B 453 4.03 24.18 -16.81
C HIS B 453 5.01 25.35 -16.87
N THR B 454 6.11 25.23 -16.13
CA THR B 454 7.15 26.25 -16.10
C THR B 454 8.08 26.14 -17.30
N LEU B 455 8.22 24.93 -17.82
CA LEU B 455 9.11 24.66 -18.94
C LEU B 455 8.43 24.95 -20.30
N VAL B 456 7.13 24.72 -20.40
CA VAL B 456 6.37 25.18 -21.57
C VAL B 456 6.49 26.68 -21.70
N GLY B 457 7.10 27.13 -22.79
CA GLY B 457 7.27 28.55 -23.02
C GLY B 457 5.92 29.25 -23.11
N SER B 458 5.78 30.32 -22.32
CA SER B 458 4.59 31.15 -22.35
C SER B 458 3.31 30.38 -22.02
N PHE B 459 3.23 29.79 -20.83
CA PHE B 459 2.06 29.01 -20.46
C PHE B 459 0.81 29.89 -20.34
N GLU B 460 1.00 31.07 -19.75
CA GLU B 460 -0.11 31.95 -19.39
C GLU B 460 -0.96 32.44 -20.58
N THR B 461 -0.30 32.92 -21.64
CA THR B 461 -0.98 33.53 -22.77
C THR B 461 -1.24 32.51 -23.89
N GLN B 462 -1.69 31.36 -23.49
CA GLN B 462 -2.16 30.37 -24.39
C GLN B 462 -3.42 29.83 -23.75
N PHE B 463 -3.24 29.26 -22.57
CA PHE B 463 -4.32 28.67 -21.82
C PHE B 463 -5.32 29.75 -21.51
N ILE B 464 -4.93 30.95 -21.13
CA ILE B 464 -5.98 31.96 -20.94
C ILE B 464 -6.65 32.37 -22.27
N LYS B 465 -5.87 32.48 -23.35
CA LYS B 465 -6.46 32.76 -24.66
C LYS B 465 -6.77 31.47 -25.40
N ASP B 466 -7.04 30.45 -24.60
CA ASP B 466 -7.76 29.25 -25.02
C ASP B 466 -8.67 28.84 -23.88
N LEU B 467 -8.72 29.69 -22.85
CA LEU B 467 -9.71 29.56 -21.78
C LEU B 467 -10.92 30.40 -22.16
N ARG B 468 -10.67 31.52 -22.84
CA ARG B 468 -11.74 32.29 -23.45
C ARG B 468 -12.34 31.51 -24.60
N GLU B 469 -11.49 30.72 -25.25
CA GLU B 469 -11.87 29.94 -26.41
C GLU B 469 -12.74 28.77 -25.92
N ALA B 470 -12.96 28.74 -24.60
CA ALA B 470 -13.79 27.72 -23.95
C ALA B 470 -15.15 28.25 -23.52
N VAL B 471 -15.19 29.50 -23.06
CA VAL B 471 -16.43 30.10 -22.55
C VAL B 471 -17.31 30.59 -23.69
N ILE B 472 -16.72 30.65 -24.89
CA ILE B 472 -17.38 31.25 -26.05
C ILE B 472 -17.90 30.17 -27.01
#